data_6XG8
#
_entry.id   6XG8
#
_cell.length_a   89.680
_cell.length_b   109.500
_cell.length_c   157.700
_cell.angle_alpha   90.000
_cell.angle_beta   90.000
_cell.angle_gamma   90.000
#
_symmetry.space_group_name_H-M   'P 21 21 21'
#
loop_
_entity.id
_entity.type
_entity.pdbx_description
1 polymer 'Mutator family transposase'
2 polymer 'DNA (26-MER)'
3 polymer 'DNA (26-MER)'
#
loop_
_entity_poly.entity_id
_entity_poly.type
_entity_poly.pdbx_seq_one_letter_code
_entity_poly.pdbx_strand_id
1 'polypeptide(L)'
;GSAMARKRIITPEKKELIRNLISEYNITSAKDLQEALKDLLGDTIQNMLEAELDEHLGYEKYESTEEAKSNYRNGYTSKT
LKSSVGQVEIDIPRDRNAEFEPKIVPRYKRDISEIENKIIAMYARGMSTREINEQIQEIYGFEVSAEMVSKITDKILPEI
EEWQKRPLGEVYPIVFIDAIHFSVKNDGIVGKKAVYIVLAIDIEGQKDVIGIYVGENESSKFWLSVLNDLKNRGVKDILI
LCADALSGIKDAINAAFPNTEYQRCIVHQIRNTLKYVSDKDRKEFARDLKRIYTAPNEKAGYDQMLEVSEKWEKKYPAAM
KSWKSNWDVICPFFKYSEELRKIMYTTNTIESLNSSYRRINKSRTVFPGDQSLLKSIYLATVKITSKWTMRYKNWGLILG
QLQIMFEGRI
;
A,B
2 'polydeoxyribonucleotide'
;(DG)(DT)(DT)(DT)(DA)(DC)(DA)(DC)(DA)(DA)(DA)(DA)(DA)(DT)(DA)(DT)(DT)(DT)(DA)(DC)
(DA)(DC)(DT)(DG)(DC)(DC)
;
D
3 'polydeoxyribonucleotide'
;(DG)(DG)(DC)(DA)(DG)(DT)(DG)(DT)(DA)(DA)(DA)(DT)(DA)(DT)(DT)(DT)(DT)(DT)(DG)(DT)
(DG)(DT)(DA)(DA)(DA)(DC)
;
E
#
loop_
_chem_comp.id
_chem_comp.type
_chem_comp.name
_chem_comp.formula
DA DNA linking 2'-DEOXYADENOSINE-5'-MONOPHOSPHATE 'C10 H14 N5 O6 P'
DC DNA linking 2'-DEOXYCYTIDINE-5'-MONOPHOSPHATE 'C9 H14 N3 O7 P'
DG DNA linking 2'-DEOXYGUANOSINE-5'-MONOPHOSPHATE 'C10 H14 N5 O7 P'
DT DNA linking THYMIDINE-5'-MONOPHOSPHATE 'C10 H15 N2 O8 P'
#
# COMPACT_ATOMS: atom_id res chain seq x y z
N ILE A 9 31.56 -16.47 -11.86
CA ILE A 9 32.23 -17.76 -11.88
C ILE A 9 31.32 -18.82 -12.49
N ILE A 10 31.67 -19.29 -13.68
CA ILE A 10 30.83 -20.22 -14.44
C ILE A 10 31.59 -21.52 -14.57
N THR A 11 31.23 -22.51 -13.74
CA THR A 11 31.87 -23.82 -13.67
C THR A 11 31.42 -24.68 -14.85
N PRO A 12 32.34 -25.44 -15.47
CA PRO A 12 31.91 -26.34 -16.56
C PRO A 12 30.99 -27.45 -16.12
N GLU A 13 31.02 -27.85 -14.85
CA GLU A 13 30.00 -28.77 -14.34
C GLU A 13 28.61 -28.14 -14.48
N LYS A 14 28.49 -26.85 -14.19
CA LYS A 14 27.22 -26.17 -14.35
C LYS A 14 26.77 -26.15 -15.80
N LYS A 15 27.70 -25.94 -16.73
CA LYS A 15 27.35 -25.95 -18.15
C LYS A 15 26.89 -27.34 -18.58
N GLU A 16 27.56 -28.38 -18.11
CA GLU A 16 27.12 -29.74 -18.38
C GLU A 16 25.72 -29.98 -17.84
N LEU A 17 25.45 -29.50 -16.62
CA LEU A 17 24.11 -29.63 -16.05
C LEU A 17 23.08 -28.91 -16.89
N ILE A 18 23.41 -27.73 -17.39
CA ILE A 18 22.46 -26.96 -18.20
C ILE A 18 22.16 -27.69 -19.51
N ARG A 19 23.19 -28.20 -20.18
CA ARG A 19 22.96 -28.93 -21.42
C ARG A 19 22.15 -30.19 -21.17
N ASN A 20 22.41 -30.89 -20.06
CA ASN A 20 21.66 -32.10 -19.74
C ASN A 20 20.21 -31.78 -19.40
N LEU A 21 19.97 -30.67 -18.72
CA LEU A 21 18.60 -30.26 -18.43
C LEU A 21 17.84 -29.94 -19.70
N ILE A 22 18.46 -29.14 -20.58
CA ILE A 22 17.82 -28.78 -21.84
C ILE A 22 17.51 -30.03 -22.66
N SER A 23 18.40 -31.02 -22.62
CA SER A 23 18.18 -32.24 -23.40
C SER A 23 17.07 -33.09 -22.80
N GLU A 24 17.20 -33.48 -21.52
CA GLU A 24 16.34 -34.52 -20.97
C GLU A 24 14.92 -34.06 -20.69
N TYR A 25 14.74 -32.80 -20.31
CA TYR A 25 13.40 -32.27 -20.05
C TYR A 25 12.78 -31.62 -21.28
N ASN A 26 13.37 -31.80 -22.46
CA ASN A 26 12.79 -31.37 -23.73
C ASN A 26 12.47 -29.87 -23.73
N ILE A 27 13.47 -29.07 -23.38
CA ILE A 27 13.32 -27.62 -23.43
C ILE A 27 13.43 -27.20 -24.89
N THR A 28 12.33 -26.67 -25.44
CA THR A 28 12.33 -26.13 -26.79
C THR A 28 12.07 -24.62 -26.81
N SER A 29 11.71 -24.03 -25.67
CA SER A 29 11.43 -22.60 -25.57
C SER A 29 11.57 -22.19 -24.12
N ALA A 30 11.30 -20.90 -23.85
CA ALA A 30 11.36 -20.41 -22.48
C ALA A 30 10.20 -20.95 -21.64
N LYS A 31 9.01 -21.05 -22.22
CA LYS A 31 7.89 -21.65 -21.53
C LYS A 31 8.19 -23.09 -21.14
N ASP A 32 8.77 -23.86 -22.08
CA ASP A 32 9.27 -25.19 -21.75
C ASP A 32 10.25 -25.12 -20.59
N LEU A 33 11.04 -24.05 -20.52
CA LEU A 33 12.05 -23.93 -19.47
C LEU A 33 11.40 -23.69 -18.11
N GLN A 34 10.33 -22.90 -18.06
CA GLN A 34 9.64 -22.67 -16.79
C GLN A 34 8.94 -23.94 -16.31
N GLU A 35 8.22 -24.61 -17.22
CA GLU A 35 7.59 -25.87 -16.84
C GLU A 35 8.62 -26.90 -16.42
N ALA A 36 9.81 -26.88 -17.06
CA ALA A 36 10.88 -27.76 -16.65
C ALA A 36 11.43 -27.38 -15.28
N LEU A 37 11.49 -26.07 -14.97
CA LEU A 37 11.85 -25.66 -13.62
C LEU A 37 10.93 -26.30 -12.59
N LYS A 38 9.62 -26.16 -12.80
CA LYS A 38 8.65 -26.80 -11.90
C LYS A 38 8.92 -28.30 -11.78
N ASP A 39 8.97 -28.99 -12.93
CA ASP A 39 9.11 -30.44 -12.93
C ASP A 39 10.42 -30.87 -12.27
N LEU A 40 11.49 -30.12 -12.51
CA LEU A 40 12.80 -30.49 -11.98
C LEU A 40 12.85 -30.30 -10.47
N LEU A 41 12.29 -29.21 -9.96
CA LEU A 41 12.20 -29.03 -8.52
C LEU A 41 11.41 -30.19 -7.90
N GLY A 42 10.24 -30.50 -8.48
CA GLY A 42 9.45 -31.60 -7.96
C GLY A 42 10.21 -32.91 -7.96
N ASP A 43 10.90 -33.21 -9.07
CA ASP A 43 11.63 -34.47 -9.20
C ASP A 43 12.80 -34.54 -8.24
N THR A 44 13.52 -33.44 -8.06
CA THR A 44 14.62 -33.38 -7.12
C THR A 44 14.13 -33.68 -5.71
N ILE A 45 13.04 -33.03 -5.30
CA ILE A 45 12.51 -33.26 -3.96
C ILE A 45 12.05 -34.70 -3.80
N GLN A 46 11.42 -35.27 -4.84
CA GLN A 46 10.99 -36.66 -4.75
C GLN A 46 12.19 -37.61 -4.63
N ASN A 47 13.26 -37.33 -5.38
CA ASN A 47 14.46 -38.15 -5.29
C ASN A 47 15.06 -38.09 -3.90
N MET A 48 15.14 -36.88 -3.33
CA MET A 48 15.74 -36.74 -2.00
C MET A 48 14.87 -37.37 -0.93
N LEU A 49 13.54 -37.34 -1.11
CA LEU A 49 12.67 -38.01 -0.15
C LEU A 49 12.78 -39.53 -0.28
N GLU A 50 12.96 -40.04 -1.51
CA GLU A 50 13.24 -41.45 -1.68
C GLU A 50 14.54 -41.84 -1.00
N ALA A 51 15.55 -40.97 -1.08
CA ALA A 51 16.80 -41.22 -0.37
C ALA A 51 16.58 -41.25 1.14
N GLU A 52 15.80 -40.31 1.66
CA GLU A 52 15.55 -40.27 3.09
C GLU A 52 14.77 -41.50 3.56
N LEU A 53 13.86 -42.00 2.72
CA LEU A 53 13.16 -43.23 3.05
C LEU A 53 14.11 -44.41 3.05
N ASP A 54 14.99 -44.49 2.04
CA ASP A 54 16.02 -45.53 2.02
C ASP A 54 16.87 -45.48 3.28
N GLU A 55 17.15 -44.28 3.77
CA GLU A 55 17.93 -44.13 5.00
C GLU A 55 17.14 -44.63 6.20
N HIS A 56 15.87 -44.23 6.32
CA HIS A 56 15.07 -44.58 7.48
C HIS A 56 14.85 -46.08 7.56
N LEU A 57 14.25 -46.66 6.52
CA LEU A 57 13.99 -48.10 6.54
C LEU A 57 15.27 -48.91 6.51
N GLY A 58 16.35 -48.35 5.97
CA GLY A 58 17.63 -49.02 5.96
C GLY A 58 17.90 -49.89 4.75
N TYR A 59 17.12 -49.77 3.69
CA TYR A 59 17.33 -50.58 2.49
C TYR A 59 16.62 -49.92 1.32
N GLU A 60 17.11 -50.22 0.11
CA GLU A 60 16.49 -49.67 -1.08
C GLU A 60 15.24 -50.45 -1.44
N LYS A 61 14.46 -49.88 -2.37
CA LYS A 61 13.17 -50.48 -2.72
C LYS A 61 13.37 -51.87 -3.28
N TYR A 62 12.61 -52.83 -2.73
CA TYR A 62 12.63 -54.24 -3.11
C TYR A 62 13.97 -54.92 -2.84
N GLU A 63 14.88 -54.27 -2.12
CA GLU A 63 16.16 -54.89 -1.80
C GLU A 63 15.98 -55.90 -0.68
N SER A 64 16.44 -57.12 -0.90
CA SER A 64 16.29 -58.17 0.09
C SER A 64 17.37 -58.07 1.15
N THR A 65 16.98 -58.28 2.41
CA THR A 65 17.93 -58.37 3.51
C THR A 65 17.63 -59.63 4.30
N GLU A 66 18.68 -60.20 4.90
CA GLU A 66 18.52 -61.44 5.65
C GLU A 66 17.74 -61.22 6.94
N GLU A 67 18.05 -60.14 7.65
CA GLU A 67 17.31 -59.79 8.85
C GLU A 67 15.91 -59.30 8.48
N ALA A 68 14.89 -59.95 9.03
CA ALA A 68 13.52 -59.53 8.79
C ALA A 68 13.27 -58.17 9.43
N LYS A 69 12.50 -57.32 8.75
CA LYS A 69 12.22 -55.98 9.20
C LYS A 69 10.73 -55.84 9.50
N SER A 70 10.43 -55.01 10.51
CA SER A 70 9.04 -54.76 10.92
C SER A 70 8.38 -53.65 10.13
N ASN A 71 9.06 -53.07 9.15
CA ASN A 71 8.51 -51.98 8.34
C ASN A 71 8.70 -52.29 6.87
N TYR A 72 7.59 -52.34 6.13
CA TYR A 72 7.57 -52.47 4.68
C TYR A 72 7.14 -51.14 4.07
N ARG A 73 7.41 -50.98 2.78
CA ARG A 73 7.02 -49.75 2.09
C ARG A 73 5.55 -49.84 1.66
N ASN A 74 4.84 -48.72 1.79
CA ASN A 74 3.39 -48.69 1.69
C ASN A 74 2.93 -47.64 0.66
N GLY A 75 3.57 -47.63 -0.51
CA GLY A 75 3.12 -46.75 -1.57
C GLY A 75 3.48 -45.30 -1.35
N TYR A 76 2.63 -44.40 -1.84
CA TYR A 76 2.87 -42.98 -1.79
C TYR A 76 1.60 -42.25 -1.37
N THR A 77 1.76 -40.97 -1.03
CA THR A 77 0.66 -40.06 -0.74
C THR A 77 0.94 -38.71 -1.37
N SER A 78 -0.08 -38.08 -1.94
CA SER A 78 0.11 -36.87 -2.71
C SER A 78 0.13 -35.62 -1.82
N LYS A 79 0.83 -34.59 -2.31
CA LYS A 79 0.81 -33.29 -1.65
C LYS A 79 1.23 -32.21 -2.62
N THR A 80 0.52 -31.08 -2.59
CA THR A 80 0.80 -29.93 -3.44
C THR A 80 1.66 -28.92 -2.68
N LEU A 81 2.86 -28.69 -3.16
CA LEU A 81 3.80 -27.74 -2.59
C LEU A 81 3.69 -26.39 -3.28
N LYS A 82 3.98 -25.33 -2.53
CA LYS A 82 3.93 -23.96 -3.01
C LYS A 82 5.35 -23.39 -2.93
N SER A 83 5.99 -23.21 -4.08
CA SER A 83 7.37 -22.77 -4.17
C SER A 83 7.43 -21.39 -4.81
N SER A 84 8.67 -20.91 -5.02
CA SER A 84 8.87 -19.55 -5.50
C SER A 84 8.48 -19.41 -6.98
N VAL A 85 8.79 -20.43 -7.78
CA VAL A 85 8.50 -20.37 -9.21
C VAL A 85 7.07 -20.77 -9.54
N GLY A 86 6.38 -21.45 -8.65
CA GLY A 86 5.02 -21.83 -8.89
C GLY A 86 4.58 -22.95 -7.96
N GLN A 87 3.38 -23.45 -8.24
CA GLN A 87 2.79 -24.54 -7.47
C GLN A 87 3.14 -25.87 -8.13
N VAL A 88 3.70 -26.79 -7.34
CA VAL A 88 4.09 -28.11 -7.83
C VAL A 88 3.36 -29.18 -7.03
N GLU A 89 3.35 -30.39 -7.55
CA GLU A 89 2.70 -31.51 -6.88
C GLU A 89 3.67 -32.69 -6.83
N ILE A 90 3.75 -33.34 -5.67
CA ILE A 90 4.68 -34.45 -5.51
C ILE A 90 3.99 -35.62 -4.81
N ASP A 91 4.63 -36.79 -4.93
CA ASP A 91 4.21 -38.02 -4.26
C ASP A 91 5.26 -38.37 -3.23
N ILE A 92 4.85 -38.49 -1.98
CA ILE A 92 5.75 -38.73 -0.86
C ILE A 92 5.71 -40.22 -0.53
N PRO A 93 6.85 -40.88 -0.33
CA PRO A 93 6.85 -42.28 0.07
C PRO A 93 6.24 -42.47 1.45
N ARG A 94 5.97 -43.73 1.79
CA ARG A 94 5.18 -44.04 2.96
C ARG A 94 5.62 -45.37 3.56
N ASP A 95 5.91 -45.37 4.86
CA ASP A 95 6.24 -46.59 5.58
C ASP A 95 4.98 -47.17 6.23
N ARG A 96 5.07 -48.44 6.60
CA ARG A 96 3.88 -49.14 7.10
C ARG A 96 3.44 -48.61 8.45
N ASN A 97 4.36 -48.54 9.41
CA ASN A 97 3.99 -48.11 10.75
C ASN A 97 3.97 -46.59 10.91
N ALA A 98 4.15 -45.83 9.83
CA ALA A 98 4.06 -44.38 9.84
C ALA A 98 4.96 -43.78 10.92
N GLU A 99 6.25 -44.11 10.82
CA GLU A 99 7.20 -43.71 11.85
C GLU A 99 8.19 -42.64 11.42
N PHE A 100 8.42 -42.46 10.12
CA PHE A 100 9.46 -41.56 9.66
C PHE A 100 8.89 -40.18 9.35
N GLU A 101 9.64 -39.16 9.72
CA GLU A 101 9.30 -37.77 9.44
C GLU A 101 10.23 -37.24 8.36
N PRO A 102 9.68 -36.67 7.30
CA PRO A 102 10.53 -36.17 6.20
C PRO A 102 11.40 -35.02 6.65
N LYS A 103 12.60 -34.96 6.08
CA LYS A 103 13.60 -33.98 6.47
C LYS A 103 13.56 -32.72 5.61
N ILE A 104 13.44 -32.88 4.28
CA ILE A 104 13.41 -31.72 3.40
C ILE A 104 12.11 -30.95 3.58
N VAL A 105 10.98 -31.65 3.44
CA VAL A 105 9.66 -31.05 3.62
C VAL A 105 9.01 -31.68 4.85
N PRO A 106 8.98 -30.98 5.99
CA PRO A 106 8.40 -31.56 7.21
C PRO A 106 6.93 -31.89 7.03
N ARG A 107 6.39 -32.54 8.07
CA ARG A 107 5.01 -32.99 8.00
C ARG A 107 4.05 -31.82 7.84
N TYR A 108 3.12 -31.96 6.90
CA TYR A 108 2.04 -31.00 6.74
C TYR A 108 2.51 -29.64 6.23
N LYS A 109 3.81 -29.50 5.97
CA LYS A 109 4.34 -28.24 5.47
C LYS A 109 4.18 -28.19 3.96
N ARG A 110 3.51 -27.16 3.45
CA ARG A 110 3.37 -26.98 2.02
C ARG A 110 3.90 -25.65 1.51
N ASP A 111 4.23 -24.72 2.41
CA ASP A 111 4.88 -23.47 2.03
C ASP A 111 6.38 -23.69 2.06
N ILE A 112 7.04 -23.47 0.93
CA ILE A 112 8.43 -23.86 0.80
C ILE A 112 9.28 -22.64 0.48
N SER A 113 8.66 -21.63 -0.11
CA SER A 113 9.38 -20.50 -0.67
C SER A 113 10.11 -19.69 0.38
N GLU A 114 9.94 -20.07 1.66
CA GLU A 114 10.52 -19.33 2.77
C GLU A 114 10.09 -17.87 2.71
N ILE A 115 8.85 -17.66 2.28
CA ILE A 115 8.30 -16.33 2.06
C ILE A 115 7.93 -15.63 3.36
N GLU A 116 7.99 -16.36 4.49
CA GLU A 116 7.55 -15.83 5.77
C GLU A 116 8.03 -14.41 5.98
N ASN A 117 9.36 -14.25 6.08
CA ASN A 117 9.93 -12.95 6.38
C ASN A 117 9.49 -11.91 5.37
N LYS A 118 9.46 -12.27 4.08
CA LYS A 118 9.05 -11.32 3.05
C LYS A 118 7.67 -10.74 3.36
N ILE A 119 6.72 -11.61 3.70
CA ILE A 119 5.39 -11.14 4.06
C ILE A 119 5.49 -10.14 5.21
N ILE A 120 6.25 -10.50 6.24
CA ILE A 120 6.48 -9.59 7.36
C ILE A 120 7.07 -8.28 6.85
N ALA A 121 8.09 -8.36 5.99
CA ALA A 121 8.74 -7.16 5.49
C ALA A 121 7.77 -6.29 4.70
N MET A 122 6.67 -6.86 4.22
CA MET A 122 5.65 -6.05 3.58
C MET A 122 4.74 -5.40 4.62
N TYR A 123 4.33 -6.15 5.64
CA TYR A 123 3.53 -5.57 6.71
C TYR A 123 4.30 -4.46 7.42
N ALA A 124 5.62 -4.64 7.58
CA ALA A 124 6.44 -3.58 8.17
C ALA A 124 6.53 -2.37 7.26
N ARG A 125 6.42 -2.56 5.93
CA ARG A 125 6.43 -1.43 5.01
C ARG A 125 5.19 -0.58 5.17
N GLY A 126 4.10 -1.17 5.64
CA GLY A 126 2.81 -0.55 5.63
C GLY A 126 1.82 -1.16 4.65
N MET A 127 1.99 -2.41 4.25
CA MET A 127 1.10 -3.02 3.27
C MET A 127 -0.08 -3.68 3.96
N SER A 128 -1.28 -3.47 3.42
CA SER A 128 -2.47 -4.11 3.94
C SER A 128 -2.39 -5.62 3.76
N THR A 129 -3.10 -6.34 4.63
CA THR A 129 -3.13 -7.79 4.52
C THR A 129 -3.78 -8.22 3.21
N ARG A 130 -4.81 -7.50 2.76
CA ARG A 130 -5.41 -7.82 1.47
C ARG A 130 -4.50 -7.42 0.32
N GLU A 131 -3.79 -6.29 0.46
CA GLU A 131 -2.77 -5.93 -0.52
C GLU A 131 -1.70 -7.01 -0.63
N ILE A 132 -1.22 -7.48 0.51
CA ILE A 132 -0.21 -8.54 0.51
C ILE A 132 -0.76 -9.81 -0.13
N ASN A 133 -2.01 -10.15 0.18
CA ASN A 133 -2.62 -11.34 -0.41
C ASN A 133 -2.67 -11.23 -1.92
N GLU A 134 -3.17 -10.10 -2.43
CA GLU A 134 -3.26 -9.92 -3.88
C GLU A 134 -1.89 -9.97 -4.53
N GLN A 135 -0.89 -9.31 -3.92
CA GLN A 135 0.45 -9.32 -4.50
C GLN A 135 1.05 -10.72 -4.53
N ILE A 136 0.92 -11.46 -3.44
CA ILE A 136 1.48 -12.81 -3.39
C ILE A 136 0.81 -13.69 -4.43
N GLN A 137 -0.52 -13.66 -4.51
CA GLN A 137 -1.21 -14.46 -5.51
C GLN A 137 -0.79 -14.07 -6.92
N GLU A 138 -0.62 -12.77 -7.18
CA GLU A 138 -0.34 -12.35 -8.54
C GLU A 138 1.09 -12.68 -8.97
N ILE A 139 2.07 -12.43 -8.10
CA ILE A 139 3.48 -12.54 -8.48
C ILE A 139 4.14 -13.78 -7.91
N TYR A 140 3.38 -14.75 -7.39
CA TYR A 140 3.95 -16.01 -6.98
C TYR A 140 3.17 -17.24 -7.42
N GLY A 141 1.93 -17.09 -7.88
CA GLY A 141 1.16 -18.22 -8.36
C GLY A 141 0.25 -18.85 -7.33
N PHE A 142 0.74 -19.03 -6.10
CA PHE A 142 -0.06 -19.65 -5.06
C PHE A 142 -0.75 -18.58 -4.22
N GLU A 143 -1.79 -19.01 -3.51
CA GLU A 143 -2.65 -18.09 -2.76
C GLU A 143 -2.32 -18.15 -1.28
N VAL A 144 -2.22 -16.96 -0.66
CA VAL A 144 -2.05 -16.83 0.78
C VAL A 144 -2.99 -15.74 1.26
N SER A 145 -3.96 -16.09 2.10
CA SER A 145 -5.02 -15.17 2.51
C SER A 145 -4.50 -14.18 3.54
N ALA A 146 -5.40 -13.31 4.00
CA ALA A 146 -5.01 -12.26 4.93
C ALA A 146 -4.85 -12.79 6.35
N GLU A 147 -5.74 -13.69 6.78
CA GLU A 147 -5.61 -14.28 8.10
C GLU A 147 -4.30 -15.03 8.25
N MET A 148 -3.84 -15.67 7.18
CA MET A 148 -2.53 -16.31 7.23
C MET A 148 -1.41 -15.27 7.31
N VAL A 149 -1.61 -14.09 6.73
CA VAL A 149 -0.62 -13.02 6.90
C VAL A 149 -0.57 -12.61 8.37
N SER A 150 -1.73 -12.44 9.00
CA SER A 150 -1.76 -12.13 10.42
C SER A 150 -1.10 -13.22 11.25
N LYS A 151 -1.35 -14.48 10.89
CA LYS A 151 -0.75 -15.60 11.62
C LYS A 151 0.76 -15.64 11.45
N ILE A 152 1.25 -15.26 10.26
CA ILE A 152 2.68 -15.19 10.02
C ILE A 152 3.30 -14.07 10.83
N THR A 153 2.66 -12.91 10.86
CA THR A 153 3.17 -11.77 11.62
C THR A 153 3.00 -11.94 13.12
N ASP A 154 2.17 -12.88 13.57
CA ASP A 154 2.11 -13.23 14.98
C ASP A 154 3.43 -13.81 15.49
N LYS A 155 4.29 -14.29 14.58
CA LYS A 155 5.49 -15.02 14.98
C LYS A 155 6.55 -14.12 15.60
N ILE A 156 6.47 -12.81 15.43
CA ILE A 156 7.50 -11.94 15.96
C ILE A 156 7.07 -11.38 17.30
N LEU A 157 5.92 -11.83 17.79
CA LEU A 157 5.50 -11.48 19.15
C LEU A 157 6.53 -11.86 20.22
N PRO A 158 7.13 -13.08 20.19
CA PRO A 158 8.27 -13.32 21.10
C PRO A 158 9.42 -12.35 20.87
N GLU A 159 9.71 -12.01 19.62
CA GLU A 159 10.74 -11.00 19.35
C GLU A 159 10.35 -9.65 19.94
N ILE A 160 9.06 -9.33 19.89
CA ILE A 160 8.59 -8.07 20.48
C ILE A 160 8.80 -8.07 21.97
N GLU A 161 8.51 -9.19 22.64
CA GLU A 161 8.77 -9.26 24.08
C GLU A 161 10.27 -9.17 24.39
N GLU A 162 11.10 -9.83 23.56
CA GLU A 162 12.54 -9.78 23.78
C GLU A 162 13.08 -8.36 23.59
N TRP A 163 12.43 -7.56 22.74
CA TRP A 163 12.82 -6.16 22.63
C TRP A 163 12.29 -5.35 23.80
N GLN A 164 11.09 -5.68 24.27
CA GLN A 164 10.52 -5.01 25.45
C GLN A 164 11.33 -5.26 26.71
N LYS A 165 12.12 -6.34 26.74
CA LYS A 165 12.98 -6.64 27.88
C LYS A 165 14.45 -6.38 27.56
N ARG A 166 14.72 -5.58 26.54
CA ARG A 166 16.10 -5.38 26.08
C ARG A 166 16.92 -4.66 27.15
N PRO A 167 18.12 -5.15 27.48
CA PRO A 167 18.95 -4.45 28.46
C PRO A 167 19.45 -3.13 27.90
N LEU A 168 19.24 -2.05 28.65
CA LEU A 168 19.59 -0.70 28.25
C LEU A 168 20.89 -0.26 28.92
N GLY A 169 21.43 0.85 28.42
CA GLY A 169 22.66 1.40 28.98
C GLY A 169 22.44 1.97 30.37
N GLU A 170 23.55 2.33 31.02
CA GLU A 170 23.47 2.83 32.38
C GLU A 170 22.94 4.26 32.42
N VAL A 171 23.51 5.14 31.61
CA VAL A 171 23.16 6.55 31.60
C VAL A 171 22.82 6.98 30.18
N TYR A 172 21.76 7.77 30.04
CA TYR A 172 21.38 8.36 28.77
C TYR A 172 21.33 9.87 28.95
N PRO A 173 22.21 10.63 28.31
CA PRO A 173 22.19 12.09 28.51
C PRO A 173 20.86 12.75 28.16
N ILE A 174 20.34 12.49 26.96
CA ILE A 174 19.13 13.15 26.48
C ILE A 174 18.10 12.10 26.11
N VAL A 175 16.86 12.33 26.55
CA VAL A 175 15.73 11.45 26.27
C VAL A 175 14.55 12.31 25.86
N PHE A 176 13.83 11.88 24.82
CA PHE A 176 12.60 12.49 24.37
C PHE A 176 11.49 11.45 24.43
N ILE A 177 10.29 11.94 24.76
CA ILE A 177 9.08 11.12 24.78
C ILE A 177 8.09 11.71 23.80
N ASP A 178 7.57 10.89 22.90
CA ASP A 178 6.58 11.38 21.96
C ASP A 178 5.38 10.44 21.94
N ALA A 179 4.22 11.00 21.65
CA ALA A 179 2.96 10.26 21.58
C ALA A 179 2.44 10.34 20.15
N ILE A 180 1.95 9.21 19.64
CA ILE A 180 1.29 9.17 18.35
C ILE A 180 -0.03 8.43 18.54
N HIS A 181 -1.13 9.06 18.14
CA HIS A 181 -2.47 8.57 18.42
C HIS A 181 -3.04 7.80 17.23
N PHE A 182 -3.79 6.74 17.53
CA PHE A 182 -4.44 5.88 16.54
C PHE A 182 -5.79 5.45 17.08
N SER A 183 -6.58 4.80 16.21
CA SER A 183 -7.91 4.32 16.57
C SER A 183 -7.82 2.81 16.80
N VAL A 184 -8.07 2.39 18.04
CA VAL A 184 -7.95 0.99 18.43
C VAL A 184 -9.24 0.56 19.13
N LYS A 185 -9.58 -0.71 18.96
CA LYS A 185 -10.82 -1.26 19.50
C LYS A 185 -10.51 -1.92 20.85
N ASN A 186 -10.98 -1.29 21.93
CA ASN A 186 -10.87 -1.82 23.27
C ASN A 186 -12.27 -2.10 23.80
N ASP A 187 -12.50 -3.32 24.27
CA ASP A 187 -13.76 -3.71 24.89
C ASP A 187 -14.95 -3.43 23.97
N GLY A 188 -14.72 -3.49 22.66
CA GLY A 188 -15.76 -3.30 21.68
C GLY A 188 -16.03 -1.88 21.26
N ILE A 189 -15.28 -0.90 21.78
CA ILE A 189 -15.43 0.50 21.39
C ILE A 189 -14.11 0.98 20.80
N VAL A 190 -14.19 1.66 19.67
CA VAL A 190 -13.01 2.15 18.95
C VAL A 190 -12.70 3.55 19.47
N GLY A 191 -11.60 3.65 20.23
CA GLY A 191 -11.18 4.89 20.83
C GLY A 191 -9.77 5.28 20.42
N LYS A 192 -9.44 6.54 20.67
CA LYS A 192 -8.14 7.10 20.32
C LYS A 192 -7.15 6.80 21.43
N LYS A 193 -6.18 5.95 21.15
CA LYS A 193 -5.11 5.62 22.07
C LYS A 193 -3.77 6.10 21.53
N ALA A 194 -2.95 6.65 22.42
CA ALA A 194 -1.65 7.16 22.07
C ALA A 194 -0.56 6.16 22.45
N VAL A 195 0.34 5.88 21.52
CA VAL A 195 1.52 5.06 21.75
C VAL A 195 2.68 6.00 22.04
N TYR A 196 3.42 5.73 23.10
CA TYR A 196 4.53 6.57 23.52
C TYR A 196 5.85 5.92 23.12
N ILE A 197 6.61 6.62 22.30
CA ILE A 197 7.94 6.20 21.88
C ILE A 197 8.97 6.97 22.70
N VAL A 198 9.91 6.23 23.26
CA VAL A 198 10.97 6.76 24.11
C VAL A 198 12.26 6.67 23.31
N LEU A 199 12.76 7.82 22.86
CA LEU A 199 13.99 7.91 22.09
C LEU A 199 15.07 8.53 22.96
N ALA A 200 16.24 7.91 23.00
CA ALA A 200 17.31 8.42 23.84
C ALA A 200 18.65 8.36 23.12
N ILE A 201 19.53 9.29 23.49
CA ILE A 201 20.91 9.33 23.02
C ILE A 201 21.82 8.78 24.12
N ASP A 202 22.82 8.00 23.73
CA ASP A 202 23.72 7.43 24.71
C ASP A 202 24.92 8.36 24.88
N ILE A 203 25.95 7.87 25.59
CA ILE A 203 27.10 8.71 25.89
C ILE A 203 27.91 9.04 24.64
N GLU A 204 27.78 8.25 23.58
CA GLU A 204 28.58 8.46 22.38
C GLU A 204 27.91 9.35 21.35
N GLY A 205 26.59 9.48 21.38
CA GLY A 205 25.87 10.33 20.46
C GLY A 205 24.99 9.62 19.45
N GLN A 206 24.57 8.39 19.72
CA GLN A 206 23.77 7.60 18.79
C GLN A 206 22.30 7.67 19.18
N LYS A 207 21.45 7.92 18.18
CA LYS A 207 20.02 7.98 18.40
C LYS A 207 19.44 6.58 18.20
N ASP A 208 18.61 6.14 19.14
CA ASP A 208 18.03 4.80 19.08
C ASP A 208 16.75 4.82 19.89
N VAL A 209 15.71 4.18 19.36
CA VAL A 209 14.46 4.09 20.11
C VAL A 209 14.68 3.17 21.29
N ILE A 210 14.56 3.72 22.49
CA ILE A 210 14.85 2.95 23.68
C ILE A 210 13.64 2.14 24.12
N GLY A 211 12.45 2.72 23.98
CA GLY A 211 11.26 2.01 24.44
C GLY A 211 10.03 2.35 23.63
N ILE A 212 9.07 1.43 23.68
CA ILE A 212 7.76 1.65 23.10
C ILE A 212 6.72 1.16 24.09
N TYR A 213 5.74 2.00 24.39
CA TYR A 213 4.72 1.65 25.37
C TYR A 213 3.36 2.08 24.84
N VAL A 214 2.44 1.14 24.76
CA VAL A 214 1.07 1.47 24.39
C VAL A 214 0.43 2.17 25.57
N GLY A 215 -0.32 3.23 25.29
CA GLY A 215 -0.85 4.04 26.36
C GLY A 215 -1.79 3.28 27.27
N GLU A 216 -3.00 2.97 26.79
CA GLU A 216 -4.03 2.26 27.56
C GLU A 216 -4.05 2.75 29.00
N ASN A 217 -3.92 4.07 29.20
CA ASN A 217 -3.79 4.62 30.53
C ASN A 217 -4.88 5.64 30.82
N GLU A 218 -5.29 5.67 32.09
CA GLU A 218 -6.13 6.72 32.64
C GLU A 218 -5.60 7.10 34.02
N SER A 219 -4.28 7.15 34.16
CA SER A 219 -3.67 7.44 35.46
C SER A 219 -2.22 7.83 35.25
N SER A 220 -1.59 8.28 36.34
CA SER A 220 -0.17 8.55 36.42
C SER A 220 0.64 7.32 36.81
N LYS A 221 0.01 6.32 37.43
CA LYS A 221 0.71 5.10 37.81
C LYS A 221 1.34 4.45 36.58
N PHE A 222 0.73 4.63 35.42
CA PHE A 222 1.31 4.10 34.18
C PHE A 222 2.67 4.72 33.89
N TRP A 223 2.81 6.03 34.12
CA TRP A 223 4.10 6.68 33.90
C TRP A 223 5.14 6.20 34.89
N LEU A 224 4.75 5.98 36.15
CA LEU A 224 5.70 5.42 37.11
C LEU A 224 6.11 4.02 36.71
N SER A 225 5.18 3.22 36.19
CA SER A 225 5.53 1.88 35.73
C SER A 225 6.49 1.92 34.55
N VAL A 226 6.30 2.89 33.65
CA VAL A 226 7.21 3.04 32.51
C VAL A 226 8.61 3.41 32.98
N LEU A 227 8.69 4.39 33.90
CA LEU A 227 10.00 4.80 34.41
C LEU A 227 10.68 3.68 35.19
N ASN A 228 9.91 2.90 35.93
CA ASN A 228 10.48 1.75 36.62
C ASN A 228 10.93 0.67 35.64
N ASP A 229 10.21 0.52 34.52
CA ASP A 229 10.65 -0.40 33.46
C ASP A 229 12.01 0.03 32.94
N LEU A 230 12.15 1.32 32.60
CA LEU A 230 13.43 1.82 32.11
C LEU A 230 14.52 1.65 33.16
N LYS A 231 14.19 1.88 34.43
CA LYS A 231 15.19 1.76 35.48
C LYS A 231 15.59 0.31 35.70
N ASN A 232 14.64 -0.61 35.55
CA ASN A 232 14.93 -2.03 35.67
C ASN A 232 15.76 -2.56 34.51
N ARG A 233 15.55 -2.03 33.31
CA ARG A 233 16.29 -2.49 32.14
C ARG A 233 17.78 -2.18 32.24
N GLY A 234 18.19 -1.32 33.16
CA GLY A 234 19.60 -1.11 33.42
C GLY A 234 20.00 0.34 33.57
N VAL A 235 19.05 1.26 33.37
CA VAL A 235 19.36 2.68 33.41
C VAL A 235 19.48 3.13 34.85
N LYS A 236 20.44 4.03 35.10
CA LYS A 236 20.65 4.58 36.43
C LYS A 236 20.48 6.08 36.52
N ASP A 237 20.83 6.83 35.47
CA ASP A 237 20.76 8.28 35.54
C ASP A 237 20.40 8.85 34.17
N ILE A 238 19.46 9.79 34.14
CA ILE A 238 19.14 10.57 32.96
C ILE A 238 19.52 12.00 33.24
N LEU A 239 20.18 12.65 32.28
CA LEU A 239 20.56 14.05 32.48
C LEU A 239 19.44 14.99 32.04
N ILE A 240 18.86 14.76 30.87
CA ILE A 240 17.80 15.61 30.33
C ILE A 240 16.69 14.71 29.82
N LEU A 241 15.48 14.92 30.31
CA LEU A 241 14.29 14.22 29.83
C LEU A 241 13.28 15.26 29.36
N CYS A 242 12.79 15.11 28.13
CA CYS A 242 11.85 16.05 27.52
C CYS A 242 10.60 15.32 27.06
N ALA A 243 9.47 15.61 27.72
CA ALA A 243 8.19 15.04 27.34
C ALA A 243 7.14 16.15 27.21
N ASP A 244 6.00 15.78 26.64
CA ASP A 244 4.86 16.67 26.47
C ASP A 244 4.07 16.76 27.78
N ALA A 245 3.20 17.76 27.85
CA ALA A 245 2.33 17.91 29.01
C ALA A 245 1.40 16.71 29.13
N LEU A 246 1.61 15.89 30.16
CA LEU A 246 0.87 14.66 30.34
C LEU A 246 0.48 14.51 31.80
N SER A 247 -0.44 13.59 32.06
CA SER A 247 -1.06 13.46 33.36
C SER A 247 -0.09 12.84 34.36
N GLY A 248 0.33 13.63 35.34
CA GLY A 248 1.13 13.11 36.44
C GLY A 248 2.49 12.59 36.02
N ILE A 249 3.11 13.22 35.03
CA ILE A 249 4.39 12.71 34.54
C ILE A 249 5.58 13.32 35.29
N LYS A 250 5.49 14.59 35.71
CA LYS A 250 6.62 15.20 36.41
C LYS A 250 6.86 14.53 37.76
N ASP A 251 5.80 14.16 38.46
CA ASP A 251 5.95 13.46 39.74
C ASP A 251 6.62 12.11 39.54
N ALA A 252 6.18 11.36 38.53
CA ALA A 252 6.83 10.08 38.24
C ALA A 252 8.29 10.27 37.86
N ILE A 253 8.61 11.36 37.17
CA ILE A 253 9.99 11.63 36.77
C ILE A 253 10.85 11.85 38.00
N ASN A 254 10.39 12.70 38.91
CA ASN A 254 11.15 12.99 40.11
C ASN A 254 11.08 11.88 41.16
N ALA A 255 10.24 10.87 40.97
CA ALA A 255 10.22 9.77 41.92
C ALA A 255 11.34 8.75 41.66
N ALA A 256 11.59 8.42 40.39
CA ALA A 256 12.62 7.46 40.04
C ALA A 256 13.86 8.10 39.43
N PHE A 257 13.77 9.34 38.98
CA PHE A 257 14.90 10.06 38.38
C PHE A 257 14.91 11.50 38.88
N PRO A 258 15.33 11.71 40.12
CA PRO A 258 15.22 13.08 40.67
C PRO A 258 16.26 14.03 40.09
N ASN A 259 17.48 13.54 39.85
CA ASN A 259 18.53 14.40 39.35
C ASN A 259 18.29 14.83 37.92
N THR A 260 17.37 14.17 37.21
CA THR A 260 17.08 14.52 35.83
C THR A 260 16.39 15.87 35.75
N GLU A 261 17.00 16.80 35.03
CA GLU A 261 16.41 18.12 34.83
C GLU A 261 15.32 17.97 33.80
N TYR A 262 14.07 17.90 34.25
CA TYR A 262 12.98 17.72 33.31
C TYR A 262 12.59 19.08 32.75
N GLN A 263 12.67 19.19 31.44
CA GLN A 263 12.26 20.36 30.68
C GLN A 263 11.28 19.92 29.60
N ARG A 264 10.43 20.84 29.18
CA ARG A 264 9.40 20.50 28.21
C ARG A 264 10.01 20.60 26.82
N CYS A 265 9.97 19.49 26.07
CA CYS A 265 10.55 19.46 24.73
C CYS A 265 9.99 20.61 23.90
N ILE A 266 10.90 21.48 23.45
CA ILE A 266 10.50 22.68 22.73
C ILE A 266 9.78 22.34 21.43
N VAL A 267 10.15 21.23 20.78
CA VAL A 267 9.41 20.88 19.56
C VAL A 267 7.97 20.54 19.90
N HIS A 268 7.72 19.94 21.06
CA HIS A 268 6.35 19.70 21.49
C HIS A 268 5.64 21.01 21.79
N GLN A 269 6.39 22.03 22.20
CA GLN A 269 5.79 23.32 22.44
C GLN A 269 5.42 24.00 21.12
N ILE A 270 6.29 23.92 20.13
CA ILE A 270 5.97 24.51 18.84
C ILE A 270 4.80 23.79 18.19
N ARG A 271 4.69 22.48 18.40
CA ARG A 271 3.54 21.79 17.81
C ARG A 271 2.25 22.09 18.56
N ASN A 272 2.25 21.98 19.89
CA ASN A 272 0.99 22.15 20.61
C ASN A 272 0.53 23.59 20.63
N THR A 273 1.46 24.56 20.58
CA THR A 273 1.04 25.95 20.53
C THR A 273 0.64 26.40 19.12
N LEU A 274 1.35 25.96 18.10
CA LEU A 274 1.11 26.45 16.74
C LEU A 274 0.20 25.56 15.90
N LYS A 275 0.63 24.31 15.64
CA LYS A 275 -0.03 23.47 14.64
C LYS A 275 -1.48 23.13 15.00
N TYR A 276 -1.82 23.09 16.28
CA TYR A 276 -3.19 22.72 16.61
C TYR A 276 -4.17 23.81 16.20
N VAL A 277 -3.77 25.08 16.27
CA VAL A 277 -4.65 26.13 15.81
C VAL A 277 -3.80 27.19 15.12
N SER A 278 -3.87 27.25 13.80
CA SER A 278 -3.03 28.17 13.03
C SER A 278 -3.38 28.24 11.55
N ASP A 279 -3.57 29.44 11.04
CA ASP A 279 -3.86 29.63 9.62
C ASP A 279 -2.72 29.05 8.81
N LYS A 280 -3.07 28.29 7.77
CA LYS A 280 -2.06 27.57 6.99
C LYS A 280 -1.15 28.53 6.24
N ASP A 281 -1.65 29.70 5.83
CA ASP A 281 -0.82 30.62 5.06
C ASP A 281 0.00 31.54 5.97
N ARG A 282 -0.42 31.71 7.22
CA ARG A 282 0.37 32.40 8.22
C ARG A 282 1.19 31.43 9.07
N LYS A 283 0.97 30.12 8.89
CA LYS A 283 1.56 29.10 9.73
C LYS A 283 3.08 29.16 9.72
N GLU A 284 3.66 29.35 8.54
CA GLU A 284 5.11 29.25 8.38
C GLU A 284 5.87 30.28 9.20
N PHE A 285 5.24 31.39 9.61
CA PHE A 285 6.01 32.41 10.30
C PHE A 285 6.33 32.02 11.74
N ALA A 286 6.90 30.82 11.89
CA ALA A 286 7.57 30.38 13.10
C ALA A 286 8.95 31.00 13.22
N ARG A 287 9.43 31.63 12.14
CA ARG A 287 10.73 32.26 12.13
C ARG A 287 10.85 33.29 13.25
N ASP A 288 9.78 34.01 13.56
CA ASP A 288 9.80 34.94 14.67
C ASP A 288 9.79 34.21 16.00
N LEU A 289 9.32 32.96 16.01
CA LEU A 289 9.38 32.12 17.19
C LEU A 289 10.77 31.53 17.40
N LYS A 290 11.60 31.51 16.35
CA LYS A 290 13.01 31.13 16.51
C LYS A 290 13.76 32.10 17.40
N ARG A 291 13.30 33.35 17.47
CA ARG A 291 13.99 34.35 18.28
C ARG A 291 14.00 34.00 19.75
N ILE A 292 13.06 33.14 20.20
CA ILE A 292 12.96 32.83 21.62
C ILE A 292 14.07 31.88 22.06
N TYR A 293 14.44 30.91 21.21
CA TYR A 293 15.45 29.93 21.58
C TYR A 293 16.81 30.19 20.95
N THR A 294 16.97 31.26 20.18
CA THR A 294 18.28 31.72 19.76
C THR A 294 18.81 32.85 20.64
N ALA A 295 18.17 33.08 21.80
CA ALA A 295 18.55 34.10 22.77
C ALA A 295 19.72 33.62 23.63
N PRO A 296 20.60 34.53 24.04
CA PRO A 296 21.77 34.08 24.83
C PRO A 296 21.43 33.63 26.23
N ASN A 297 20.58 34.36 26.95
CA ASN A 297 20.25 34.05 28.33
C ASN A 297 18.73 33.94 28.48
N GLU A 298 18.30 33.36 29.60
CA GLU A 298 16.87 33.13 29.81
C GLU A 298 16.09 34.45 29.86
N LYS A 299 16.68 35.51 30.41
CA LYS A 299 15.96 36.78 30.49
C LYS A 299 15.70 37.38 29.12
N ALA A 300 16.71 37.37 28.24
CA ALA A 300 16.48 37.84 26.87
C ALA A 300 15.48 36.94 26.15
N GLY A 301 15.51 35.64 26.44
CA GLY A 301 14.52 34.75 25.85
C GLY A 301 13.10 35.08 26.29
N TYR A 302 12.92 35.39 27.58
CA TYR A 302 11.59 35.76 28.06
C TYR A 302 11.14 37.09 27.47
N ASP A 303 12.07 38.05 27.34
CA ASP A 303 11.72 39.33 26.73
C ASP A 303 11.30 39.14 25.27
N GLN A 304 12.05 38.34 24.52
CA GLN A 304 11.67 38.06 23.14
C GLN A 304 10.37 37.28 23.07
N MET A 305 10.12 36.42 24.06
CA MET A 305 8.84 35.71 24.12
C MET A 305 7.69 36.69 24.28
N LEU A 306 7.84 37.64 25.19
CA LEU A 306 6.81 38.64 25.40
C LEU A 306 6.60 39.50 24.15
N GLU A 307 7.70 39.86 23.48
CA GLU A 307 7.58 40.65 22.25
C GLU A 307 6.83 39.88 21.17
N VAL A 308 7.21 38.62 20.96
CA VAL A 308 6.55 37.79 19.96
C VAL A 308 5.08 37.59 20.34
N SER A 309 4.80 37.45 21.65
CA SER A 309 3.43 37.34 22.11
C SER A 309 2.63 38.57 21.74
N GLU A 310 3.17 39.76 22.04
CA GLU A 310 2.47 41.01 21.75
C GLU A 310 2.26 41.18 20.25
N LYS A 311 3.22 40.74 19.44
CA LYS A 311 3.06 40.87 17.99
C LYS A 311 2.11 39.82 17.43
N TRP A 312 1.94 38.69 18.11
CA TRP A 312 1.10 37.60 17.63
C TRP A 312 -0.08 37.30 18.55
N GLU A 313 -0.35 38.16 19.53
CA GLU A 313 -1.59 38.03 20.31
C GLU A 313 -2.82 38.45 19.52
N LYS A 314 -2.64 38.95 18.29
CA LYS A 314 -3.78 39.41 17.50
C LYS A 314 -4.65 38.25 17.03
N LYS A 315 -4.07 37.07 16.82
CA LYS A 315 -4.89 35.94 16.39
C LYS A 315 -4.55 34.65 17.12
N TYR A 316 -3.89 34.70 18.27
CA TYR A 316 -3.55 33.45 18.91
C TYR A 316 -4.74 32.94 19.71
N PRO A 317 -5.14 31.69 19.53
CA PRO A 317 -6.20 31.15 20.40
C PRO A 317 -5.74 31.11 21.86
N ALA A 318 -4.75 30.25 22.16
CA ALA A 318 -4.29 30.10 23.53
C ALA A 318 -2.82 29.69 23.62
N ALA A 319 -1.99 30.09 22.66
CA ALA A 319 -0.61 29.60 22.65
C ALA A 319 0.29 30.35 23.64
N MET A 320 0.26 31.68 23.60
CA MET A 320 1.20 32.43 24.43
C MET A 320 0.90 32.26 25.92
N LYS A 321 -0.35 31.98 26.26
CA LYS A 321 -0.67 31.65 27.65
C LYS A 321 0.04 30.37 28.08
N SER A 322 0.05 29.37 27.20
CA SER A 322 0.79 28.15 27.49
C SER A 322 2.29 28.41 27.60
N TRP A 323 2.82 29.31 26.76
CA TRP A 323 4.21 29.70 26.91
C TRP A 323 4.47 30.31 28.28
N LYS A 324 3.59 31.21 28.72
CA LYS A 324 3.77 31.87 30.00
C LYS A 324 3.70 30.86 31.14
N SER A 325 2.65 30.04 31.16
CA SER A 325 2.47 29.08 32.24
C SER A 325 3.58 28.05 32.30
N ASN A 326 4.03 27.56 31.14
CA ASN A 326 5.07 26.54 31.09
C ASN A 326 6.48 27.10 30.98
N TRP A 327 6.65 28.42 31.10
CA TRP A 327 8.00 28.97 31.10
C TRP A 327 8.83 28.40 32.24
N ASP A 328 8.19 28.03 33.35
CA ASP A 328 8.91 27.35 34.43
C ASP A 328 9.56 26.06 33.94
N VAL A 329 8.91 25.36 33.01
CA VAL A 329 9.46 24.11 32.48
C VAL A 329 10.41 24.36 31.31
N ILE A 330 10.21 25.45 30.57
CA ILE A 330 11.10 25.78 29.44
C ILE A 330 12.36 26.51 29.88
N CYS A 331 12.42 26.95 31.14
CA CYS A 331 13.56 27.73 31.62
C CYS A 331 14.91 27.00 31.49
N PRO A 332 15.05 25.72 31.86
CA PRO A 332 16.41 25.13 31.90
C PRO A 332 17.03 24.93 30.52
N PHE A 333 16.30 25.18 29.43
CA PHE A 333 16.88 25.01 28.09
C PHE A 333 18.06 25.94 27.86
N PHE A 334 18.04 27.15 28.42
CA PHE A 334 19.09 28.12 28.13
C PHE A 334 20.40 27.85 28.86
N LYS A 335 20.37 27.12 29.98
CA LYS A 335 21.59 26.83 30.71
C LYS A 335 22.55 25.94 29.94
N TYR A 336 22.05 25.18 28.97
CA TYR A 336 22.87 24.32 28.13
C TYR A 336 23.57 25.13 27.03
N SER A 337 24.63 24.54 26.48
CA SER A 337 25.46 25.24 25.52
C SER A 337 24.76 25.38 24.17
N GLU A 338 25.43 26.06 23.24
CA GLU A 338 24.84 26.34 21.93
C GLU A 338 24.53 25.06 21.16
N GLU A 339 25.44 24.09 21.22
CA GLU A 339 25.23 22.84 20.48
C GLU A 339 24.11 22.02 21.10
N LEU A 340 24.00 22.01 22.43
CA LEU A 340 22.87 21.36 23.06
C LEU A 340 21.56 22.06 22.71
N ARG A 341 21.61 23.38 22.56
CA ARG A 341 20.45 24.10 22.06
C ARG A 341 20.08 23.60 20.66
N LYS A 342 21.10 23.45 19.80
CA LYS A 342 20.87 22.91 18.46
C LYS A 342 20.19 21.55 18.52
N ILE A 343 20.71 20.66 19.37
CA ILE A 343 20.13 19.34 19.56
C ILE A 343 18.70 19.45 20.10
N MET A 344 18.35 20.56 20.73
CA MET A 344 17.00 20.70 21.25
C MET A 344 16.02 21.21 20.19
N TYR A 345 16.31 22.34 19.56
CA TYR A 345 15.32 22.97 18.68
C TYR A 345 15.28 22.34 17.28
N THR A 346 16.02 21.26 17.03
CA THR A 346 15.91 20.55 15.76
C THR A 346 14.62 19.76 15.78
N THR A 347 13.60 20.24 15.07
CA THR A 347 12.32 19.53 15.10
C THR A 347 12.35 18.26 14.25
N ASN A 348 13.34 18.13 13.38
CA ASN A 348 13.37 17.00 12.46
C ASN A 348 13.67 15.68 13.17
N THR A 349 14.27 15.72 14.35
CA THR A 349 14.67 14.47 14.97
C THR A 349 13.49 13.75 15.61
N ILE A 350 12.46 14.49 15.98
CA ILE A 350 11.20 13.93 16.49
C ILE A 350 10.13 13.88 15.41
N GLU A 351 10.00 14.98 14.66
CA GLU A 351 9.02 15.04 13.58
C GLU A 351 9.28 13.98 12.51
N SER A 352 10.56 13.63 12.28
CA SER A 352 10.85 12.56 11.32
C SER A 352 10.21 11.25 11.74
N LEU A 353 10.37 10.88 13.01
CA LEU A 353 9.74 9.67 13.51
C LEU A 353 8.23 9.76 13.41
N ASN A 354 7.65 10.89 13.83
CA ASN A 354 6.20 10.98 13.81
C ASN A 354 5.66 10.85 12.39
N SER A 355 6.30 11.51 11.43
CA SER A 355 5.83 11.44 10.06
C SER A 355 6.05 10.06 9.46
N SER A 356 7.13 9.37 9.86
CA SER A 356 7.34 8.02 9.35
C SER A 356 6.32 7.04 9.89
N TYR A 357 6.03 7.10 11.19
CA TYR A 357 4.96 6.26 11.73
C TYR A 357 3.63 6.55 11.07
N ARG A 358 3.32 7.82 10.82
CA ARG A 358 2.02 8.13 10.22
C ARG A 358 1.96 7.68 8.77
N ARG A 359 3.04 7.84 8.02
CA ARG A 359 3.04 7.40 6.62
C ARG A 359 3.08 5.88 6.49
N ILE A 360 3.57 5.16 7.49
CA ILE A 360 3.50 3.70 7.40
C ILE A 360 2.15 3.17 7.88
N ASN A 361 1.50 3.86 8.82
CA ASN A 361 0.18 3.42 9.28
C ASN A 361 -0.96 4.15 8.57
N LYS A 362 -0.68 4.84 7.46
CA LYS A 362 -1.72 5.53 6.70
C LYS A 362 -2.87 4.63 6.29
N SER A 363 -2.58 3.38 5.94
CA SER A 363 -3.63 2.48 5.48
C SER A 363 -4.39 1.78 6.61
N ARG A 364 -3.85 1.77 7.82
CA ARG A 364 -4.46 1.06 8.94
C ARG A 364 -5.41 2.01 9.66
N THR A 365 -6.67 2.00 9.22
CA THR A 365 -7.65 2.96 9.74
C THR A 365 -8.04 2.62 11.18
N VAL A 366 -8.46 1.38 11.44
CA VAL A 366 -8.80 0.93 12.78
C VAL A 366 -8.10 -0.38 13.10
N PHE A 367 -7.55 -0.49 14.32
CA PHE A 367 -6.89 -1.70 14.79
C PHE A 367 -7.85 -2.54 15.65
N PRO A 368 -7.90 -3.85 15.45
CA PRO A 368 -8.83 -4.69 16.22
C PRO A 368 -8.38 -4.96 17.65
N GLY A 369 -7.14 -4.66 18.02
CA GLY A 369 -6.68 -4.95 19.36
C GLY A 369 -5.36 -4.28 19.64
N ASP A 370 -4.92 -4.41 20.90
CA ASP A 370 -3.68 -3.76 21.32
C ASP A 370 -2.46 -4.43 20.70
N GLN A 371 -2.44 -5.77 20.65
CA GLN A 371 -1.27 -6.45 20.11
C GLN A 371 -1.13 -6.23 18.62
N SER A 372 -2.24 -6.09 17.90
CA SER A 372 -2.16 -5.79 16.47
C SER A 372 -1.51 -4.43 16.24
N LEU A 373 -1.87 -3.45 17.05
CA LEU A 373 -1.24 -2.14 16.99
C LEU A 373 0.24 -2.22 17.34
N LEU A 374 0.56 -2.95 18.41
CA LEU A 374 1.97 -3.10 18.81
C LEU A 374 2.79 -3.75 17.70
N LYS A 375 2.21 -4.71 16.97
CA LYS A 375 2.94 -5.36 15.90
C LYS A 375 3.43 -4.34 14.89
N SER A 376 2.50 -3.56 14.35
CA SER A 376 2.86 -2.57 13.34
C SER A 376 3.81 -1.53 13.91
N ILE A 377 3.62 -1.14 15.17
CA ILE A 377 4.48 -0.11 15.74
C ILE A 377 5.91 -0.61 15.85
N TYR A 378 6.09 -1.82 16.35
CA TYR A 378 7.43 -2.39 16.46
C TYR A 378 8.06 -2.60 15.08
N LEU A 379 7.26 -3.05 14.12
CA LEU A 379 7.79 -3.30 12.78
C LEU A 379 8.25 -2.00 12.13
N ALA A 380 7.42 -0.96 12.18
CA ALA A 380 7.82 0.33 11.66
C ALA A 380 9.04 0.85 12.40
N THR A 381 9.11 0.59 13.71
CA THR A 381 10.23 1.07 14.51
C THR A 381 11.54 0.44 14.06
N VAL A 382 11.55 -0.88 13.87
CA VAL A 382 12.79 -1.53 13.44
C VAL A 382 13.11 -1.15 12.00
N LYS A 383 12.08 -0.96 11.16
CA LYS A 383 12.30 -0.54 9.78
C LYS A 383 12.92 0.84 9.73
N ILE A 384 12.58 1.70 10.67
CA ILE A 384 13.16 3.05 10.71
C ILE A 384 14.56 3.02 11.32
N THR A 385 14.72 2.35 12.47
CA THR A 385 15.99 2.37 13.20
C THR A 385 17.08 1.58 12.51
N SER A 386 16.73 0.70 11.56
CA SER A 386 17.74 -0.05 10.83
C SER A 386 18.66 0.87 10.03
N LYS A 387 18.12 2.00 9.57
CA LYS A 387 18.81 2.93 8.70
C LYS A 387 19.65 3.96 9.45
N TRP A 388 19.62 3.94 10.78
CA TRP A 388 20.26 4.98 11.59
C TRP A 388 21.68 4.56 11.89
N THR A 389 22.63 5.09 11.12
CA THR A 389 24.04 4.86 11.40
C THR A 389 24.83 6.13 11.60
N MET A 390 24.34 7.27 11.13
CA MET A 390 25.01 8.53 11.40
C MET A 390 24.77 8.94 12.84
N ARG A 391 25.85 9.24 13.56
CA ARG A 391 25.72 9.69 14.92
C ARG A 391 25.70 11.20 14.93
N TYR A 392 25.35 11.78 16.08
CA TYR A 392 25.12 13.22 16.11
C TYR A 392 26.45 13.95 15.91
N LYS A 393 26.42 15.01 15.12
CA LYS A 393 27.67 15.67 14.81
C LYS A 393 28.03 16.64 15.93
N ASN A 394 29.22 17.22 15.83
CA ASN A 394 29.74 18.15 16.81
C ASN A 394 29.80 17.53 18.21
N TRP A 395 29.69 16.21 18.29
CA TRP A 395 29.70 15.54 19.57
C TRP A 395 31.14 15.46 20.09
N GLY A 396 31.26 15.31 21.39
CA GLY A 396 32.58 15.34 22.03
C GLY A 396 32.87 16.76 22.42
N LEU A 397 32.65 17.69 21.50
CA LEU A 397 32.59 19.10 21.89
C LEU A 397 31.39 19.31 22.79
N ILE A 398 30.24 18.75 22.40
CA ILE A 398 29.05 18.77 23.24
C ILE A 398 29.26 17.92 24.48
N LEU A 399 29.90 16.76 24.31
CA LEU A 399 30.17 15.87 25.42
C LEU A 399 31.11 16.52 26.43
N GLY A 400 32.18 17.15 25.94
CA GLY A 400 33.14 17.77 26.83
C GLY A 400 32.52 18.82 27.74
N GLN A 401 31.52 19.55 27.24
CA GLN A 401 30.86 20.56 28.06
C GLN A 401 29.75 19.99 28.94
N LEU A 402 28.95 19.05 28.42
CA LEU A 402 27.90 18.47 29.26
C LEU A 402 28.48 17.64 30.40
N GLN A 403 29.64 17.02 30.20
CA GLN A 403 30.28 16.30 31.30
C GLN A 403 30.86 17.26 32.33
N ILE A 404 31.13 18.51 31.95
CA ILE A 404 31.49 19.54 32.92
C ILE A 404 30.26 19.98 33.68
N MET A 405 29.13 20.15 32.98
CA MET A 405 27.89 20.56 33.64
C MET A 405 27.46 19.53 34.68
N PHE A 406 27.56 18.24 34.35
CA PHE A 406 27.23 17.17 35.28
C PHE A 406 28.54 16.42 35.55
N GLU A 407 29.21 16.80 36.64
CA GLU A 407 30.58 16.38 36.90
C GLU A 407 30.69 14.90 37.21
N GLY A 408 30.02 14.45 38.27
CA GLY A 408 30.16 13.06 38.69
C GLY A 408 29.50 12.08 37.74
N ARG A 409 28.41 12.50 37.10
CA ARG A 409 27.64 11.66 36.22
C ARG A 409 27.98 11.91 34.75
N LYS B 7 1.78 -40.98 -11.84
CA LYS B 7 3.10 -41.36 -11.37
C LYS B 7 4.19 -40.67 -12.16
N ARG B 8 5.17 -40.10 -11.44
CA ARG B 8 6.32 -39.44 -12.07
C ARG B 8 7.40 -40.49 -12.33
N ILE B 9 7.24 -41.22 -13.42
CA ILE B 9 8.24 -42.20 -13.82
C ILE B 9 9.45 -41.44 -14.36
N ILE B 10 10.53 -41.43 -13.58
CA ILE B 10 11.72 -40.64 -13.89
C ILE B 10 12.77 -41.55 -14.50
N THR B 11 13.36 -41.10 -15.59
CA THR B 11 14.39 -41.87 -16.26
C THR B 11 15.66 -41.93 -15.41
N PRO B 12 16.45 -42.99 -15.55
CA PRO B 12 17.70 -43.07 -14.78
C PRO B 12 18.69 -41.96 -15.09
N GLU B 13 18.72 -41.47 -16.34
CA GLU B 13 19.59 -40.33 -16.64
C GLU B 13 19.15 -39.09 -15.90
N LYS B 14 17.83 -38.87 -15.79
CA LYS B 14 17.33 -37.77 -14.98
C LYS B 14 17.72 -37.94 -13.52
N LYS B 15 17.71 -39.19 -13.01
CA LYS B 15 18.10 -39.43 -11.63
C LYS B 15 19.58 -39.09 -11.42
N GLU B 16 20.44 -39.52 -12.35
CA GLU B 16 21.84 -39.16 -12.26
C GLU B 16 22.04 -37.65 -12.39
N LEU B 17 21.20 -36.99 -13.18
CA LEU B 17 21.28 -35.53 -13.32
C LEU B 17 20.90 -34.83 -12.02
N ILE B 18 19.85 -35.30 -11.36
CA ILE B 18 19.48 -34.76 -10.06
C ILE B 18 20.60 -34.99 -9.06
N ARG B 19 21.19 -36.18 -9.07
CA ARG B 19 22.32 -36.46 -8.19
C ARG B 19 23.47 -35.49 -8.47
N ASN B 20 23.75 -35.23 -9.74
CA ASN B 20 24.83 -34.30 -10.10
C ASN B 20 24.52 -32.90 -9.61
N LEU B 21 23.26 -32.49 -9.70
CA LEU B 21 22.87 -31.16 -9.21
C LEU B 21 23.07 -31.05 -7.71
N ILE B 22 22.60 -32.06 -6.96
CA ILE B 22 22.80 -32.08 -5.52
C ILE B 22 24.27 -32.02 -5.18
N SER B 23 25.11 -32.75 -5.91
CA SER B 23 26.54 -32.76 -5.62
C SER B 23 27.18 -31.40 -5.90
N GLU B 24 26.81 -30.77 -7.02
CA GLU B 24 27.46 -29.53 -7.41
C GLU B 24 27.05 -28.37 -6.50
N TYR B 25 25.78 -28.34 -6.08
CA TYR B 25 25.31 -27.24 -5.25
C TYR B 25 25.22 -27.61 -3.77
N ASN B 26 25.56 -28.85 -3.42
CA ASN B 26 25.52 -29.34 -2.03
C ASN B 26 24.16 -29.02 -1.41
N ILE B 27 23.13 -29.52 -2.06
CA ILE B 27 21.75 -29.28 -1.63
C ILE B 27 21.43 -30.20 -0.47
N THR B 28 21.00 -29.61 0.64
CA THR B 28 20.48 -30.36 1.77
C THR B 28 19.11 -29.88 2.23
N SER B 29 18.75 -28.64 1.94
CA SER B 29 17.45 -28.08 2.30
C SER B 29 16.72 -27.62 1.05
N ALA B 30 15.46 -27.23 1.23
CA ALA B 30 14.66 -26.76 0.11
C ALA B 30 15.19 -25.42 -0.41
N LYS B 31 15.60 -24.53 0.50
CA LYS B 31 16.20 -23.27 0.06
C LYS B 31 17.45 -23.52 -0.77
N ASP B 32 18.23 -24.53 -0.41
CA ASP B 32 19.38 -24.90 -1.21
C ASP B 32 18.96 -25.23 -2.64
N LEU B 33 17.92 -26.05 -2.80
CA LEU B 33 17.45 -26.41 -4.13
C LEU B 33 16.97 -25.19 -4.90
N GLN B 34 16.18 -24.33 -4.26
CA GLN B 34 15.59 -23.19 -4.95
C GLN B 34 16.67 -22.22 -5.39
N GLU B 35 17.62 -21.90 -4.50
CA GLU B 35 18.72 -21.02 -4.88
C GLU B 35 19.62 -21.67 -5.92
N ALA B 36 19.74 -23.00 -5.89
CA ALA B 36 20.50 -23.70 -6.91
C ALA B 36 19.88 -23.46 -8.29
N LEU B 37 18.58 -23.76 -8.43
CA LEU B 37 17.92 -23.55 -9.70
C LEU B 37 18.00 -22.09 -10.12
N LYS B 38 17.85 -21.16 -9.16
CA LYS B 38 17.90 -19.74 -9.47
C LYS B 38 19.26 -19.34 -10.03
N ASP B 39 20.35 -19.83 -9.43
CA ASP B 39 21.68 -19.49 -9.90
C ASP B 39 22.01 -20.18 -11.21
N LEU B 40 21.63 -21.45 -11.34
CA LEU B 40 22.02 -22.27 -12.48
C LEU B 40 21.39 -21.76 -13.77
N LEU B 41 20.11 -21.37 -13.72
CA LEU B 41 19.33 -21.11 -14.92
C LEU B 41 18.94 -19.66 -15.09
N GLY B 42 19.53 -18.75 -14.31
CA GLY B 42 19.19 -17.35 -14.44
C GLY B 42 19.47 -16.79 -15.82
N ASP B 43 20.75 -16.82 -16.20
CA ASP B 43 21.14 -16.32 -17.52
C ASP B 43 20.49 -17.11 -18.64
N THR B 44 20.23 -18.39 -18.41
CA THR B 44 19.54 -19.20 -19.42
C THR B 44 18.16 -18.62 -19.73
N ILE B 45 17.34 -18.43 -18.70
CA ILE B 45 16.01 -17.85 -18.87
C ILE B 45 16.13 -16.46 -19.49
N GLN B 46 17.06 -15.65 -18.98
CA GLN B 46 17.19 -14.28 -19.48
C GLN B 46 17.47 -14.26 -20.98
N ASN B 47 18.45 -15.06 -21.42
CA ASN B 47 18.84 -15.02 -22.82
C ASN B 47 17.80 -15.67 -23.72
N MET B 48 17.15 -16.74 -23.25
CA MET B 48 16.04 -17.29 -24.01
C MET B 48 14.96 -16.25 -24.22
N LEU B 49 14.57 -15.53 -23.16
CA LEU B 49 13.52 -14.54 -23.29
C LEU B 49 13.96 -13.38 -24.17
N GLU B 50 15.21 -12.94 -24.04
CA GLU B 50 15.69 -11.85 -24.89
C GLU B 50 15.70 -12.27 -26.35
N ALA B 51 16.06 -13.52 -26.63
CA ALA B 51 16.05 -14.01 -28.00
C ALA B 51 14.64 -14.13 -28.53
N GLU B 52 13.70 -14.57 -27.70
CA GLU B 52 12.32 -14.73 -28.14
C GLU B 52 11.62 -13.39 -28.33
N LEU B 53 12.06 -12.36 -27.59
CA LEU B 53 11.51 -11.02 -27.80
C LEU B 53 12.15 -10.35 -29.02
N ASP B 54 13.46 -10.51 -29.19
CA ASP B 54 14.13 -10.01 -30.39
C ASP B 54 13.77 -10.81 -31.63
N GLU B 55 13.07 -11.94 -31.48
CA GLU B 55 12.68 -12.76 -32.62
C GLU B 55 11.67 -12.05 -33.52
N HIS B 56 11.05 -10.97 -33.05
CA HIS B 56 10.13 -10.17 -33.86
C HIS B 56 10.94 -9.17 -34.67
N LEU B 57 11.52 -9.66 -35.77
CA LEU B 57 12.25 -8.84 -36.74
C LEU B 57 13.33 -8.00 -36.04
N GLY B 58 14.12 -8.66 -35.21
CA GLY B 58 15.20 -8.00 -34.50
C GLY B 58 14.75 -7.16 -33.32
N ASP B 111 0.92 -17.13 -27.67
CA ASP B 111 0.79 -17.47 -26.26
C ASP B 111 1.91 -16.81 -25.44
N ILE B 112 1.71 -16.79 -24.12
CA ILE B 112 2.61 -16.12 -23.19
C ILE B 112 3.03 -17.10 -22.11
N SER B 113 4.19 -16.86 -21.52
CA SER B 113 4.75 -17.74 -20.50
C SER B 113 4.46 -17.20 -19.10
N GLU B 114 4.73 -18.05 -18.09
CA GLU B 114 4.43 -17.68 -16.71
C GLU B 114 5.24 -16.49 -16.25
N ILE B 115 6.53 -16.44 -16.58
CA ILE B 115 7.36 -15.31 -16.18
C ILE B 115 6.83 -14.02 -16.81
N GLU B 116 6.40 -14.09 -18.07
CA GLU B 116 5.88 -12.90 -18.73
C GLU B 116 4.50 -12.52 -18.20
N ASN B 117 3.68 -13.50 -17.81
CA ASN B 117 2.41 -13.18 -17.15
C ASN B 117 2.64 -12.50 -15.81
N LYS B 118 3.61 -12.99 -15.04
CA LYS B 118 3.96 -12.35 -13.79
C LYS B 118 4.42 -10.91 -14.01
N ILE B 119 5.22 -10.68 -15.05
CA ILE B 119 5.64 -9.31 -15.35
C ILE B 119 4.46 -8.46 -15.78
N ILE B 120 3.50 -9.05 -16.48
CA ILE B 120 2.27 -8.33 -16.83
C ILE B 120 1.54 -7.90 -15.57
N ALA B 121 1.44 -8.80 -14.59
CA ALA B 121 0.81 -8.44 -13.32
C ALA B 121 1.59 -7.33 -12.61
N MET B 122 2.93 -7.38 -12.67
CA MET B 122 3.75 -6.33 -12.08
C MET B 122 3.45 -4.98 -12.71
N TYR B 123 3.27 -4.96 -14.04
CA TYR B 123 2.84 -3.73 -14.70
C TYR B 123 1.43 -3.35 -14.28
N ALA B 124 0.57 -4.35 -14.06
CA ALA B 124 -0.82 -4.08 -13.69
C ALA B 124 -0.90 -3.37 -12.35
N ARG B 125 -0.05 -3.75 -11.40
CA ARG B 125 -0.02 -3.09 -10.09
C ARG B 125 0.78 -1.80 -10.10
N GLY B 126 1.14 -1.29 -11.28
CA GLY B 126 1.81 0.00 -11.39
C GLY B 126 3.10 0.09 -10.61
N MET B 127 3.98 -0.89 -10.80
CA MET B 127 5.26 -0.94 -10.11
C MET B 127 6.36 -0.38 -11.02
N SER B 128 7.35 0.24 -10.38
CA SER B 128 8.47 0.79 -11.12
C SER B 128 9.26 -0.32 -11.82
N THR B 129 9.98 0.05 -12.87
CA THR B 129 10.82 -0.92 -13.56
C THR B 129 11.83 -1.53 -12.61
N ARG B 130 12.35 -0.75 -11.67
CA ARG B 130 13.31 -1.29 -10.70
C ARG B 130 12.63 -2.27 -9.74
N GLU B 131 11.36 -2.03 -9.40
CA GLU B 131 10.64 -2.98 -8.56
C GLU B 131 10.49 -4.33 -9.24
N ILE B 132 10.10 -4.31 -10.52
CA ILE B 132 9.97 -5.54 -11.29
C ILE B 132 11.32 -6.22 -11.43
N ASN B 133 12.37 -5.44 -11.69
CA ASN B 133 13.71 -5.99 -11.78
C ASN B 133 14.11 -6.72 -10.51
N GLU B 134 13.89 -6.07 -9.35
CA GLU B 134 14.22 -6.68 -8.07
C GLU B 134 13.44 -7.97 -7.86
N GLN B 135 12.13 -7.94 -8.15
CA GLN B 135 11.31 -9.12 -7.91
C GLN B 135 11.74 -10.30 -8.78
N ILE B 136 11.99 -10.05 -10.07
CA ILE B 136 12.41 -11.13 -10.96
C ILE B 136 13.78 -11.65 -10.56
N GLN B 137 14.71 -10.75 -10.23
CA GLN B 137 16.03 -11.18 -9.78
C GLN B 137 15.93 -12.07 -8.55
N GLU B 138 14.99 -11.78 -7.66
CA GLU B 138 14.86 -12.59 -6.45
C GLU B 138 14.21 -13.94 -6.76
N ILE B 139 13.21 -13.97 -7.63
CA ILE B 139 12.48 -15.21 -7.88
C ILE B 139 13.25 -16.10 -8.87
N TYR B 140 13.44 -15.60 -10.08
CA TYR B 140 14.02 -16.41 -11.15
C TYR B 140 15.54 -16.27 -11.25
N GLY B 141 16.08 -15.10 -10.92
CA GLY B 141 17.52 -14.95 -10.85
C GLY B 141 18.15 -14.29 -12.06
N PHE B 142 17.50 -13.27 -12.61
CA PHE B 142 18.10 -12.51 -13.70
C PHE B 142 17.47 -11.13 -13.75
N GLU B 143 18.17 -10.19 -14.37
CA GLU B 143 17.71 -8.81 -14.44
C GLU B 143 16.78 -8.61 -15.62
N VAL B 144 15.87 -7.64 -15.47
CA VAL B 144 14.91 -7.29 -16.50
C VAL B 144 15.01 -5.79 -16.76
N SER B 145 15.36 -5.43 -17.99
CA SER B 145 15.48 -4.03 -18.34
C SER B 145 14.12 -3.44 -18.68
N ALA B 146 14.04 -2.11 -18.66
CA ALA B 146 12.80 -1.43 -19.01
C ALA B 146 12.41 -1.69 -20.46
N GLU B 147 13.41 -1.84 -21.34
CA GLU B 147 13.13 -2.23 -22.71
C GLU B 147 12.49 -3.62 -22.76
N MET B 148 12.99 -4.54 -21.92
CA MET B 148 12.40 -5.87 -21.85
C MET B 148 10.96 -5.79 -21.35
N VAL B 149 10.70 -4.95 -20.35
CA VAL B 149 9.35 -4.77 -19.83
C VAL B 149 8.42 -4.25 -20.91
N SER B 150 8.87 -3.24 -21.67
CA SER B 150 8.04 -2.70 -22.74
C SER B 150 7.75 -3.75 -23.80
N LYS B 151 8.78 -4.50 -24.22
CA LYS B 151 8.57 -5.51 -25.24
C LYS B 151 7.63 -6.62 -24.75
N ILE B 152 7.68 -6.94 -23.46
CA ILE B 152 6.77 -7.96 -22.94
C ILE B 152 5.34 -7.42 -22.90
N THR B 153 5.17 -6.19 -22.42
CA THR B 153 3.83 -5.64 -22.27
C THR B 153 3.18 -5.31 -23.60
N ASP B 154 3.98 -5.10 -24.66
CA ASP B 154 3.37 -4.91 -25.97
C ASP B 154 2.67 -6.16 -26.49
N LYS B 155 2.76 -7.27 -25.77
CA LYS B 155 2.11 -8.50 -26.23
C LYS B 155 0.60 -8.43 -26.09
N ILE B 156 0.09 -7.66 -25.13
CA ILE B 156 -1.36 -7.55 -24.94
C ILE B 156 -2.00 -6.55 -25.90
N LEU B 157 -1.22 -5.88 -26.74
CA LEU B 157 -1.80 -4.92 -27.66
C LEU B 157 -2.82 -5.54 -28.63
N PRO B 158 -2.61 -6.72 -29.21
CA PRO B 158 -3.70 -7.32 -30.01
C PRO B 158 -4.96 -7.59 -29.21
N GLU B 159 -4.81 -8.01 -27.96
CA GLU B 159 -5.98 -8.19 -27.10
C GLU B 159 -6.74 -6.87 -26.94
N ILE B 160 -6.00 -5.77 -26.79
CA ILE B 160 -6.65 -4.46 -26.68
C ILE B 160 -7.33 -4.08 -27.98
N GLU B 161 -6.69 -4.36 -29.12
CA GLU B 161 -7.32 -4.13 -30.41
C GLU B 161 -8.66 -4.86 -30.48
N GLU B 162 -8.67 -6.13 -30.08
CA GLU B 162 -9.91 -6.90 -30.08
C GLU B 162 -10.94 -6.29 -29.14
N TRP B 163 -10.49 -5.78 -28.00
CA TRP B 163 -11.40 -5.18 -27.04
C TRP B 163 -11.96 -3.84 -27.52
N GLN B 164 -11.27 -3.14 -28.40
CA GLN B 164 -11.74 -1.86 -28.91
C GLN B 164 -12.62 -1.99 -30.14
N LYS B 165 -12.75 -3.21 -30.69
CA LYS B 165 -13.60 -3.47 -31.85
C LYS B 165 -14.79 -4.35 -31.51
N ARG B 166 -15.11 -4.49 -30.23
CA ARG B 166 -16.13 -5.44 -29.82
C ARG B 166 -17.50 -5.04 -30.38
N PRO B 167 -18.30 -6.02 -30.79
CA PRO B 167 -19.69 -5.71 -31.18
C PRO B 167 -20.53 -5.39 -29.96
N LEU B 168 -21.22 -4.26 -30.00
CA LEU B 168 -22.02 -3.79 -28.88
C LEU B 168 -23.49 -4.11 -29.11
N GLY B 169 -24.27 -4.00 -28.04
CA GLY B 169 -25.70 -4.24 -28.12
C GLY B 169 -26.42 -3.13 -28.87
N GLU B 170 -27.70 -3.37 -29.13
CA GLU B 170 -28.49 -2.41 -29.88
C GLU B 170 -28.84 -1.21 -29.00
N VAL B 171 -29.36 -1.45 -27.81
CA VAL B 171 -29.80 -0.40 -26.90
C VAL B 171 -29.13 -0.60 -25.56
N TYR B 172 -28.70 0.50 -24.95
CA TYR B 172 -28.14 0.50 -23.60
C TYR B 172 -28.93 1.47 -22.75
N PRO B 173 -29.59 0.99 -21.68
CA PRO B 173 -30.41 1.91 -20.87
C PRO B 173 -29.63 3.08 -20.29
N ILE B 174 -28.53 2.82 -19.59
CA ILE B 174 -27.79 3.86 -18.89
C ILE B 174 -26.33 3.80 -19.33
N VAL B 175 -25.76 4.97 -19.64
CA VAL B 175 -24.35 5.08 -20.02
C VAL B 175 -23.73 6.25 -19.28
N PHE B 176 -22.52 6.05 -18.74
CA PHE B 176 -21.74 7.07 -18.07
C PHE B 176 -20.40 7.23 -18.77
N ILE B 177 -19.93 8.47 -18.81
CA ILE B 177 -18.59 8.79 -19.29
C ILE B 177 -17.87 9.54 -18.19
N ASP B 178 -16.66 9.09 -17.85
CA ASP B 178 -15.88 9.74 -16.81
C ASP B 178 -14.50 10.08 -17.36
N ALA B 179 -13.91 11.14 -16.80
CA ALA B 179 -12.61 11.63 -17.23
C ALA B 179 -11.57 11.47 -16.13
N ILE B 180 -10.39 10.99 -16.51
CA ILE B 180 -9.24 10.94 -15.60
C ILE B 180 -8.06 11.52 -16.35
N HIS B 181 -7.43 12.54 -15.77
CA HIS B 181 -6.38 13.29 -16.45
C HIS B 181 -5.00 12.80 -16.03
N PHE B 182 -4.06 12.75 -16.98
CA PHE B 182 -2.69 12.34 -16.71
C PHE B 182 -1.74 13.14 -17.60
N SER B 183 -0.44 13.01 -17.28
CA SER B 183 0.64 13.66 -18.02
C SER B 183 1.41 12.59 -18.80
N VAL B 184 1.44 12.72 -20.12
CA VAL B 184 2.13 11.75 -20.97
C VAL B 184 3.07 12.48 -21.92
N LYS B 185 4.25 11.90 -22.15
CA LYS B 185 5.27 12.47 -23.02
C LYS B 185 5.23 11.77 -24.37
N ASN B 186 4.83 12.49 -25.41
CA ASN B 186 4.85 11.98 -26.77
C ASN B 186 5.91 12.74 -27.57
N ASP B 187 6.84 12.00 -28.17
CA ASP B 187 7.87 12.57 -29.05
C ASP B 187 8.65 13.69 -28.35
N GLY B 188 8.80 13.58 -27.04
CA GLY B 188 9.55 14.58 -26.29
C GLY B 188 8.75 15.75 -25.79
N ILE B 189 7.43 15.77 -25.97
CA ILE B 189 6.57 16.83 -25.48
C ILE B 189 5.64 16.24 -24.43
N VAL B 190 5.63 16.85 -23.24
CA VAL B 190 4.86 16.36 -22.12
C VAL B 190 3.53 17.11 -22.09
N GLY B 191 2.45 16.42 -22.41
CA GLY B 191 1.14 17.04 -22.44
C GLY B 191 0.10 16.38 -21.54
N LYS B 192 -0.96 17.12 -21.24
CA LYS B 192 -2.04 16.65 -20.38
C LYS B 192 -3.08 15.94 -21.25
N LYS B 193 -3.22 14.64 -21.07
CA LYS B 193 -4.21 13.85 -21.79
C LYS B 193 -5.22 13.30 -20.80
N ALA B 194 -6.50 13.43 -21.13
CA ALA B 194 -7.57 12.89 -20.30
C ALA B 194 -8.11 11.63 -20.96
N VAL B 195 -8.18 10.54 -20.20
CA VAL B 195 -8.78 9.31 -20.69
C VAL B 195 -10.22 9.28 -20.20
N TYR B 196 -11.13 9.06 -21.15
CA TYR B 196 -12.56 9.00 -20.89
C TYR B 196 -12.98 7.54 -20.95
N ILE B 197 -13.54 7.06 -19.85
CA ILE B 197 -14.06 5.70 -19.75
C ILE B 197 -15.57 5.74 -19.92
N VAL B 198 -16.07 4.90 -20.83
CA VAL B 198 -17.48 4.80 -21.15
C VAL B 198 -17.97 3.48 -20.58
N LEU B 199 -18.76 3.58 -19.52
CA LEU B 199 -19.33 2.43 -18.81
C LEU B 199 -20.83 2.40 -19.07
N ALA B 200 -21.37 1.24 -19.38
CA ALA B 200 -22.80 1.16 -19.68
C ALA B 200 -23.44 -0.06 -19.01
N ILE B 201 -24.72 0.08 -18.70
CA ILE B 201 -25.54 -1.02 -18.22
C ILE B 201 -26.38 -1.52 -19.40
N ASP B 202 -26.53 -2.83 -19.51
CA ASP B 202 -27.21 -3.42 -20.64
C ASP B 202 -28.71 -3.61 -20.34
N ILE B 203 -29.38 -4.31 -21.24
CA ILE B 203 -30.83 -4.53 -21.13
C ILE B 203 -31.16 -5.44 -19.96
N GLU B 204 -30.22 -6.28 -19.53
CA GLU B 204 -30.48 -7.22 -18.45
C GLU B 204 -30.15 -6.65 -17.08
N GLY B 205 -29.30 -5.63 -17.02
CA GLY B 205 -28.91 -5.02 -15.78
C GLY B 205 -27.46 -5.23 -15.40
N GLN B 206 -26.60 -5.60 -16.34
CA GLN B 206 -25.18 -5.82 -16.07
C GLN B 206 -24.39 -4.60 -16.54
N LYS B 207 -23.52 -4.11 -15.68
CA LYS B 207 -22.65 -2.99 -16.00
C LYS B 207 -21.30 -3.48 -16.52
N ASP B 208 -20.82 -2.84 -17.59
CA ASP B 208 -19.58 -3.24 -18.24
C ASP B 208 -18.98 -2.04 -18.94
N VAL B 209 -17.66 -1.92 -18.87
CA VAL B 209 -16.95 -0.80 -19.49
C VAL B 209 -17.02 -0.95 -21.01
N ILE B 210 -17.62 0.03 -21.68
CA ILE B 210 -17.81 -0.05 -23.11
C ILE B 210 -16.58 0.45 -23.87
N GLY B 211 -15.98 1.53 -23.40
CA GLY B 211 -14.88 2.12 -24.15
C GLY B 211 -13.87 2.85 -23.30
N ILE B 212 -12.68 3.03 -23.88
CA ILE B 212 -11.63 3.87 -23.32
C ILE B 212 -11.09 4.74 -24.45
N TYR B 213 -11.03 6.05 -24.22
CA TYR B 213 -10.64 6.98 -25.28
C TYR B 213 -9.72 8.08 -24.77
N VAL B 214 -8.59 8.26 -25.45
CA VAL B 214 -7.71 9.39 -25.16
C VAL B 214 -8.32 10.66 -25.76
N GLY B 215 -8.35 11.73 -24.98
CA GLY B 215 -8.97 12.97 -25.40
C GLY B 215 -8.00 14.08 -25.73
N GLU B 216 -8.09 14.61 -26.95
CA GLU B 216 -7.20 15.67 -27.41
C GLU B 216 -7.98 16.98 -27.48
N ASN B 217 -7.63 17.92 -26.60
CA ASN B 217 -8.20 19.26 -26.49
C ASN B 217 -9.71 19.28 -26.25
N GLU B 218 -10.32 18.10 -26.09
CA GLU B 218 -11.71 17.98 -25.65
C GLU B 218 -12.67 18.74 -26.59
N SER B 219 -12.44 18.62 -27.89
CA SER B 219 -13.27 19.30 -28.87
C SER B 219 -14.61 18.59 -29.00
N SER B 220 -15.50 19.16 -29.82
CA SER B 220 -16.74 18.45 -30.13
C SER B 220 -16.52 17.42 -31.22
N LYS B 221 -15.50 17.63 -32.06
CA LYS B 221 -15.16 16.64 -33.07
C LYS B 221 -14.72 15.33 -32.43
N PHE B 222 -14.02 15.43 -31.30
CA PHE B 222 -13.57 14.22 -30.60
C PHE B 222 -14.76 13.43 -30.05
N TRP B 223 -15.73 14.13 -29.45
CA TRP B 223 -16.90 13.44 -28.93
C TRP B 223 -17.73 12.85 -30.06
N LEU B 224 -17.83 13.56 -31.18
CA LEU B 224 -18.52 13.04 -32.34
C LEU B 224 -17.83 11.78 -32.87
N SER B 225 -16.49 11.78 -32.87
CA SER B 225 -15.75 10.60 -33.31
C SER B 225 -15.94 9.43 -32.36
N VAL B 226 -15.99 9.70 -31.06
CA VAL B 226 -16.24 8.63 -30.09
C VAL B 226 -17.63 8.05 -30.30
N LEU B 227 -18.61 8.92 -30.51
CA LEU B 227 -19.99 8.45 -30.74
C LEU B 227 -20.09 7.65 -32.03
N ASN B 228 -19.36 8.06 -33.06
CA ASN B 228 -19.37 7.30 -34.31
C ASN B 228 -18.70 5.95 -34.14
N ASP B 229 -17.65 5.89 -33.33
CA ASP B 229 -17.03 4.60 -33.01
C ASP B 229 -18.04 3.69 -32.30
N LEU B 230 -18.74 4.24 -31.31
CA LEU B 230 -19.74 3.45 -30.59
C LEU B 230 -20.84 2.97 -31.52
N LYS B 231 -21.29 3.83 -32.42
CA LYS B 231 -22.38 3.46 -33.33
C LYS B 231 -21.92 2.43 -34.36
N ASN B 232 -20.67 2.53 -34.82
CA ASN B 232 -20.16 1.52 -35.74
C ASN B 232 -19.98 0.18 -35.03
N ARG B 233 -19.59 0.20 -33.76
CA ARG B 233 -19.46 -1.06 -33.06
C ARG B 233 -20.80 -1.75 -32.82
N GLY B 234 -21.92 -1.05 -33.01
CA GLY B 234 -23.20 -1.73 -32.99
C GLY B 234 -24.33 -1.05 -32.24
N VAL B 235 -24.07 0.06 -31.58
CA VAL B 235 -25.10 0.71 -30.79
C VAL B 235 -26.02 1.50 -31.71
N LYS B 236 -27.31 1.52 -31.37
CA LYS B 236 -28.31 2.24 -32.15
C LYS B 236 -29.00 3.33 -31.35
N ASP B 237 -29.27 3.09 -30.07
CA ASP B 237 -29.99 4.06 -29.24
C ASP B 237 -29.53 3.93 -27.79
N ILE B 238 -29.38 5.08 -27.15
CA ILE B 238 -29.12 5.17 -25.71
C ILE B 238 -30.38 5.69 -25.05
N LEU B 239 -30.74 5.13 -23.91
CA LEU B 239 -31.92 5.61 -23.22
C LEU B 239 -31.59 6.79 -22.32
N ILE B 240 -30.55 6.66 -21.51
CA ILE B 240 -30.11 7.71 -20.60
C ILE B 240 -28.59 7.83 -20.72
N LEU B 241 -28.12 9.03 -21.04
CA LEU B 241 -26.69 9.32 -21.10
C LEU B 241 -26.35 10.41 -20.09
N CYS B 242 -25.43 10.09 -19.18
CA CYS B 242 -24.96 11.00 -18.16
C CYS B 242 -23.44 11.01 -18.21
N ALA B 243 -22.87 12.14 -18.64
CA ALA B 243 -21.44 12.31 -18.77
C ALA B 243 -21.04 13.55 -17.96
N ASP B 244 -19.74 13.80 -17.88
CA ASP B 244 -19.30 14.96 -17.14
C ASP B 244 -19.55 16.23 -17.95
N ALA B 245 -19.68 17.35 -17.25
CA ALA B 245 -19.84 18.64 -17.90
C ALA B 245 -18.55 18.97 -18.65
N LEU B 246 -18.61 18.92 -19.98
CA LEU B 246 -17.42 19.12 -20.78
C LEU B 246 -17.77 20.01 -21.97
N SER B 247 -16.71 20.53 -22.61
CA SER B 247 -16.86 21.55 -23.63
C SER B 247 -17.37 20.93 -24.93
N GLY B 248 -18.58 21.31 -25.33
CA GLY B 248 -19.11 20.89 -26.60
C GLY B 248 -19.44 19.42 -26.71
N ILE B 249 -19.84 18.79 -25.63
CA ILE B 249 -20.21 17.38 -25.66
C ILE B 249 -21.70 17.22 -25.99
N LYS B 250 -22.53 18.15 -25.51
CA LYS B 250 -23.97 18.07 -25.77
C LYS B 250 -24.28 18.26 -27.25
N ASP B 251 -23.52 19.10 -27.94
CA ASP B 251 -23.73 19.29 -29.37
C ASP B 251 -23.46 18.00 -30.13
N ALA B 252 -22.35 17.32 -29.83
CA ALA B 252 -22.07 16.03 -30.46
C ALA B 252 -23.12 15.00 -30.09
N ILE B 253 -23.62 15.06 -28.84
CA ILE B 253 -24.62 14.10 -28.39
C ILE B 253 -25.92 14.26 -29.18
N ASN B 254 -26.42 15.49 -29.29
CA ASN B 254 -27.64 15.68 -30.06
C ASN B 254 -27.40 15.66 -31.56
N ALA B 255 -26.14 15.64 -32.00
CA ALA B 255 -25.84 15.49 -33.42
C ALA B 255 -25.82 14.03 -33.85
N ALA B 256 -25.31 13.14 -32.99
CA ALA B 256 -25.20 11.73 -33.35
C ALA B 256 -26.26 10.84 -32.72
N PHE B 257 -26.95 11.33 -31.69
CA PHE B 257 -28.06 10.62 -31.06
C PHE B 257 -29.13 11.64 -30.71
N PRO B 258 -29.80 12.20 -31.71
CA PRO B 258 -30.74 13.29 -31.46
C PRO B 258 -32.07 12.83 -30.89
N ASN B 259 -32.46 11.60 -31.24
CA ASN B 259 -33.83 11.12 -31.02
C ASN B 259 -34.24 11.07 -29.55
N THR B 260 -33.30 11.18 -28.61
CA THR B 260 -33.66 11.18 -27.20
C THR B 260 -32.83 12.23 -26.48
N GLU B 261 -33.51 13.16 -25.81
CA GLU B 261 -32.85 14.25 -25.09
C GLU B 261 -32.23 13.71 -23.81
N TYR B 262 -30.92 13.49 -23.84
CA TYR B 262 -30.16 12.99 -22.70
C TYR B 262 -29.68 14.16 -21.85
N GLN B 263 -29.86 14.03 -20.53
CA GLN B 263 -29.39 15.05 -19.60
C GLN B 263 -28.26 14.46 -18.77
N ARG B 264 -27.20 15.25 -18.59
CA ARG B 264 -25.94 14.77 -18.03
C ARG B 264 -25.83 15.00 -16.52
N CYS B 265 -24.72 14.51 -15.96
CA CYS B 265 -24.19 14.93 -14.66
C CYS B 265 -25.08 14.54 -13.49
N ILE B 266 -25.49 13.27 -13.47
CA ILE B 266 -26.32 12.80 -12.37
C ILE B 266 -25.53 12.78 -11.07
N VAL B 267 -24.25 12.42 -11.16
CA VAL B 267 -23.36 12.36 -10.00
C VAL B 267 -22.08 13.16 -10.19
N HIS B 268 -21.64 13.42 -11.42
CA HIS B 268 -20.45 14.24 -11.59
C HIS B 268 -20.62 15.64 -11.04
N GLN B 269 -21.86 16.14 -10.90
CA GLN B 269 -22.03 17.47 -10.32
C GLN B 269 -21.72 17.49 -8.82
N ILE B 270 -22.19 16.48 -8.07
CA ILE B 270 -21.85 16.44 -6.64
C ILE B 270 -20.34 16.24 -6.49
N ARG B 271 -19.72 15.57 -7.46
CA ARG B 271 -18.27 15.43 -7.47
C ARG B 271 -17.60 16.78 -7.75
N ASN B 272 -18.16 17.55 -8.69
CA ASN B 272 -17.58 18.84 -9.07
C ASN B 272 -17.75 19.89 -7.98
N THR B 273 -18.79 19.76 -7.16
CA THR B 273 -18.91 20.63 -5.99
C THR B 273 -17.90 20.19 -4.94
N LEU B 274 -17.56 18.91 -4.94
CA LEU B 274 -16.60 18.33 -4.01
C LEU B 274 -15.18 18.38 -4.56
N LYS B 275 -14.94 19.15 -5.63
CA LYS B 275 -13.58 19.27 -6.14
C LYS B 275 -12.70 19.99 -5.12
N TYR B 276 -13.28 21.01 -4.48
CA TYR B 276 -12.68 21.76 -3.39
C TYR B 276 -13.09 21.19 -2.03
N VAL B 277 -13.39 19.89 -1.97
CA VAL B 277 -13.91 19.24 -0.76
C VAL B 277 -13.01 19.56 0.43
N SER B 278 -13.53 20.35 1.36
CA SER B 278 -12.80 20.79 2.54
C SER B 278 -13.12 19.83 3.68
N ASP B 279 -12.07 19.33 4.35
CA ASP B 279 -12.24 18.28 5.33
C ASP B 279 -13.22 18.66 6.45
N LYS B 280 -13.19 19.92 6.89
CA LYS B 280 -14.04 20.30 8.01
C LYS B 280 -15.52 20.26 7.62
N ASP B 281 -15.85 20.74 6.42
CA ASP B 281 -17.23 20.82 5.93
C ASP B 281 -17.60 19.68 4.98
N ARG B 282 -17.19 18.43 5.24
CA ARG B 282 -17.64 17.36 4.36
C ARG B 282 -18.92 16.68 4.85
N LYS B 283 -18.95 16.25 6.11
CA LYS B 283 -20.06 15.44 6.59
C LYS B 283 -21.37 16.21 6.54
N GLU B 284 -21.39 17.42 7.09
CA GLU B 284 -22.64 18.17 7.13
C GLU B 284 -23.06 18.62 5.74
N PHE B 285 -22.09 18.84 4.84
CA PHE B 285 -22.42 19.34 3.52
C PHE B 285 -23.03 18.25 2.65
N ALA B 286 -22.48 17.03 2.69
CA ALA B 286 -23.16 15.96 1.96
C ALA B 286 -24.42 15.50 2.69
N ARG B 287 -24.48 15.66 4.02
CA ARG B 287 -25.68 15.29 4.75
C ARG B 287 -26.87 16.16 4.33
N ASP B 288 -26.65 17.48 4.23
CA ASP B 288 -27.68 18.40 3.78
C ASP B 288 -27.84 18.43 2.26
N LEU B 289 -26.80 18.03 1.51
CA LEU B 289 -26.93 17.94 0.06
C LEU B 289 -27.66 16.67 -0.37
N LYS B 290 -27.77 15.67 0.50
CA LYS B 290 -28.63 14.54 0.16
C LYS B 290 -30.07 14.99 -0.04
N ARG B 291 -30.47 16.08 0.64
CA ARG B 291 -31.83 16.58 0.50
C ARG B 291 -32.11 17.13 -0.90
N ILE B 292 -31.08 17.53 -1.64
CA ILE B 292 -31.32 18.17 -2.93
C ILE B 292 -31.67 17.13 -3.99
N TYR B 293 -31.08 15.94 -3.95
CA TYR B 293 -31.34 14.93 -4.97
C TYR B 293 -32.30 13.85 -4.51
N THR B 294 -32.73 13.88 -3.25
CA THR B 294 -33.81 13.04 -2.76
C THR B 294 -35.13 13.80 -2.73
N ALA B 295 -35.22 14.93 -3.43
CA ALA B 295 -36.44 15.70 -3.44
C ALA B 295 -37.47 15.05 -4.37
N PRO B 296 -38.76 15.11 -4.01
CA PRO B 296 -39.77 14.45 -4.84
C PRO B 296 -40.04 15.18 -6.15
N ASN B 297 -40.03 16.51 -6.15
CA ASN B 297 -40.46 17.27 -7.30
C ASN B 297 -39.35 18.21 -7.77
N GLU B 298 -39.46 18.65 -9.03
CA GLU B 298 -38.46 19.52 -9.62
C GLU B 298 -38.41 20.87 -8.93
N LYS B 299 -39.59 21.45 -8.62
CA LYS B 299 -39.61 22.73 -7.95
C LYS B 299 -39.10 22.60 -6.52
N ALA B 300 -39.45 21.50 -5.84
CA ALA B 300 -38.88 21.24 -4.53
C ALA B 300 -37.37 21.08 -4.61
N GLY B 301 -36.89 20.48 -5.70
CA GLY B 301 -35.45 20.41 -5.90
C GLY B 301 -34.82 21.78 -6.04
N TYR B 302 -35.47 22.68 -6.77
CA TYR B 302 -34.94 24.03 -6.92
C TYR B 302 -34.94 24.78 -5.59
N ASP B 303 -36.01 24.60 -4.80
CA ASP B 303 -36.08 25.23 -3.50
C ASP B 303 -34.97 24.73 -2.59
N GLN B 304 -34.75 23.41 -2.57
CA GLN B 304 -33.67 22.85 -1.77
C GLN B 304 -32.30 23.30 -2.28
N MET B 305 -32.16 23.49 -3.60
CA MET B 305 -30.91 23.99 -4.15
C MET B 305 -30.61 25.40 -3.62
N LEU B 306 -31.60 26.29 -3.70
CA LEU B 306 -31.39 27.64 -3.19
C LEU B 306 -31.13 27.62 -1.69
N GLU B 307 -31.82 26.74 -0.96
CA GLU B 307 -31.63 26.67 0.48
C GLU B 307 -30.20 26.24 0.82
N VAL B 308 -29.71 25.17 0.18
CA VAL B 308 -28.36 24.70 0.45
C VAL B 308 -27.34 25.74 0.02
N SER B 309 -27.59 26.42 -1.11
CA SER B 309 -26.66 27.46 -1.57
C SER B 309 -26.53 28.58 -0.54
N GLU B 310 -27.66 29.11 -0.08
CA GLU B 310 -27.61 30.19 0.90
C GLU B 310 -27.09 29.71 2.25
N LYS B 311 -27.38 28.47 2.64
CA LYS B 311 -26.97 27.97 3.95
C LYS B 311 -25.49 27.62 4.01
N TRP B 312 -24.86 27.26 2.89
CA TRP B 312 -23.47 26.86 2.91
C TRP B 312 -22.58 27.75 2.05
N GLU B 313 -23.08 28.90 1.60
CA GLU B 313 -22.18 29.86 0.97
C GLU B 313 -21.25 30.52 2.00
N LYS B 314 -21.52 30.32 3.29
CA LYS B 314 -20.66 30.83 4.35
C LYS B 314 -19.41 29.95 4.46
N LYS B 315 -18.26 30.60 4.62
CA LYS B 315 -16.96 29.91 4.77
C LYS B 315 -16.61 29.04 3.57
N TYR B 316 -17.21 29.31 2.41
CA TYR B 316 -16.98 28.50 1.22
C TYR B 316 -17.21 29.30 -0.05
N PRO B 317 -16.35 29.12 -1.08
CA PRO B 317 -16.53 29.84 -2.35
C PRO B 317 -17.86 29.58 -3.05
N ALA B 318 -18.09 30.29 -4.16
CA ALA B 318 -19.39 30.29 -4.84
C ALA B 318 -19.47 29.17 -5.88
N ALA B 319 -19.55 27.95 -5.37
CA ALA B 319 -19.63 26.76 -6.22
C ALA B 319 -21.04 26.60 -6.78
N MET B 320 -22.05 26.93 -5.98
CA MET B 320 -23.45 26.71 -6.30
C MET B 320 -23.88 27.41 -7.58
N LYS B 321 -23.12 28.39 -8.07
CA LYS B 321 -23.45 29.00 -9.35
C LYS B 321 -23.50 27.96 -10.46
N SER B 322 -22.59 26.98 -10.43
CA SER B 322 -22.64 25.91 -11.41
C SER B 322 -23.95 25.16 -11.33
N TRP B 323 -24.51 25.02 -10.13
CA TRP B 323 -25.83 24.43 -9.97
C TRP B 323 -26.89 25.26 -10.70
N LYS B 324 -26.86 26.58 -10.54
CA LYS B 324 -27.90 27.41 -11.14
C LYS B 324 -27.83 27.40 -12.67
N SER B 325 -26.65 27.69 -13.23
CA SER B 325 -26.53 27.80 -14.67
C SER B 325 -26.88 26.48 -15.36
N ASN B 326 -26.47 25.37 -14.76
CA ASN B 326 -26.75 24.05 -15.32
C ASN B 326 -28.05 23.46 -14.79
N TRP B 327 -28.87 24.24 -14.08
CA TRP B 327 -30.14 23.71 -13.59
C TRP B 327 -31.05 23.30 -14.74
N ASP B 328 -30.92 23.95 -15.90
CA ASP B 328 -31.68 23.52 -17.07
C ASP B 328 -31.39 22.08 -17.43
N VAL B 329 -30.15 21.63 -17.19
CA VAL B 329 -29.77 20.27 -17.51
C VAL B 329 -30.12 19.30 -16.39
N ILE B 330 -30.15 19.76 -15.14
CA ILE B 330 -30.48 18.88 -14.02
C ILE B 330 -31.98 18.73 -13.83
N CYS B 331 -32.79 19.55 -14.49
CA CYS B 331 -34.23 19.53 -14.28
C CYS B 331 -34.87 18.17 -14.56
N PRO B 332 -34.61 17.50 -15.69
CA PRO B 332 -35.33 16.25 -15.97
C PRO B 332 -34.92 15.06 -15.11
N PHE B 333 -33.92 15.20 -14.22
CA PHE B 333 -33.53 14.07 -13.38
C PHE B 333 -34.69 13.62 -12.50
N PHE B 334 -35.53 14.55 -12.05
CA PHE B 334 -36.61 14.20 -11.14
C PHE B 334 -37.73 13.47 -11.84
N LYS B 335 -37.79 13.56 -13.18
CA LYS B 335 -38.80 12.83 -13.92
C LYS B 335 -38.65 11.33 -13.74
N TYR B 336 -37.46 10.86 -13.38
CA TYR B 336 -37.29 9.45 -13.09
C TYR B 336 -37.77 9.15 -11.68
N SER B 337 -38.21 7.91 -11.48
CA SER B 337 -38.81 7.48 -10.22
C SER B 337 -37.72 7.21 -9.18
N GLU B 338 -38.18 6.75 -8.01
CA GLU B 338 -37.28 6.50 -6.88
C GLU B 338 -36.22 5.45 -7.23
N GLU B 339 -36.61 4.38 -7.93
CA GLU B 339 -35.65 3.33 -8.24
C GLU B 339 -34.68 3.75 -9.34
N LEU B 340 -35.19 4.43 -10.37
CA LEU B 340 -34.33 4.92 -11.42
C LEU B 340 -33.41 6.03 -10.93
N ARG B 341 -33.89 6.88 -10.01
CA ARG B 341 -32.99 7.84 -9.38
C ARG B 341 -31.94 7.12 -8.54
N LYS B 342 -32.37 6.15 -7.73
CA LYS B 342 -31.43 5.40 -6.89
C LYS B 342 -30.30 4.78 -7.70
N ILE B 343 -30.64 4.11 -8.81
CA ILE B 343 -29.60 3.51 -9.63
C ILE B 343 -28.62 4.55 -10.15
N MET B 344 -29.03 5.81 -10.22
CA MET B 344 -28.15 6.87 -10.73
C MET B 344 -27.32 7.55 -9.64
N TYR B 345 -27.98 8.10 -8.61
CA TYR B 345 -27.26 8.94 -7.66
C TYR B 345 -26.48 8.17 -6.63
N THR B 346 -26.42 6.83 -6.73
CA THR B 346 -25.64 6.08 -5.75
C THR B 346 -24.15 6.23 -5.96
N THR B 347 -23.71 6.45 -7.22
CA THR B 347 -22.30 6.59 -7.55
C THR B 347 -21.49 5.35 -7.19
N ASN B 348 -22.16 4.28 -6.74
CA ASN B 348 -21.47 3.11 -6.22
C ASN B 348 -20.59 2.45 -7.25
N THR B 349 -20.85 2.66 -8.55
CA THR B 349 -20.08 2.03 -9.61
C THR B 349 -19.08 2.94 -10.30
N ILE B 350 -19.30 4.26 -10.31
CA ILE B 350 -18.41 5.16 -11.04
C ILE B 350 -17.29 5.68 -10.15
N GLU B 351 -17.64 6.20 -8.97
CA GLU B 351 -16.59 6.57 -8.03
C GLU B 351 -15.79 5.34 -7.63
N SER B 352 -16.44 4.18 -7.57
CA SER B 352 -15.72 2.94 -7.31
C SER B 352 -14.69 2.66 -8.39
N LEU B 353 -15.07 2.79 -9.65
CA LEU B 353 -14.13 2.54 -10.74
C LEU B 353 -12.95 3.50 -10.69
N ASN B 354 -13.22 4.81 -10.65
CA ASN B 354 -12.11 5.75 -10.68
C ASN B 354 -11.24 5.65 -9.42
N SER B 355 -11.85 5.43 -8.25
CA SER B 355 -11.08 5.31 -7.02
C SER B 355 -10.27 4.01 -6.99
N SER B 356 -10.79 2.93 -7.59
CA SER B 356 -10.02 1.71 -7.69
C SER B 356 -8.85 1.91 -8.64
N TYR B 357 -9.07 2.66 -9.72
CA TYR B 357 -7.97 3.04 -10.60
C TYR B 357 -6.92 3.81 -9.83
N ARG B 358 -7.36 4.74 -8.98
CA ARG B 358 -6.43 5.56 -8.20
C ARG B 358 -5.69 4.75 -7.13
N ARG B 359 -6.32 3.70 -6.59
CA ARG B 359 -5.62 2.88 -5.60
C ARG B 359 -4.43 2.17 -6.24
N ILE B 360 -4.49 1.92 -7.55
CA ILE B 360 -3.37 1.37 -8.30
C ILE B 360 -2.47 2.47 -8.86
N ASN B 361 -2.88 3.74 -8.74
CA ASN B 361 -2.17 4.89 -9.29
C ASN B 361 -0.99 5.34 -8.42
N LYS B 362 -0.48 4.46 -7.55
CA LYS B 362 0.69 4.79 -6.74
C LYS B 362 1.83 5.32 -7.60
N SER B 363 1.99 4.79 -8.81
CA SER B 363 3.03 5.23 -9.73
C SER B 363 2.53 6.48 -10.45
N ARG B 364 2.96 7.65 -9.98
CA ARG B 364 2.52 8.93 -10.52
C ARG B 364 3.41 9.41 -11.66
N THR B 365 4.16 8.51 -12.28
CA THR B 365 5.14 8.90 -13.28
C THR B 365 4.46 9.37 -14.57
N VAL B 366 5.17 10.26 -15.28
CA VAL B 366 4.74 10.66 -16.61
C VAL B 366 4.84 9.47 -17.54
N PHE B 367 3.89 9.35 -18.46
CA PHE B 367 3.99 8.11 -19.20
C PHE B 367 4.81 8.30 -20.47
N PRO B 368 5.63 7.30 -20.81
CA PRO B 368 6.56 7.45 -21.95
C PRO B 368 5.87 7.44 -23.30
N GLY B 369 4.59 7.06 -23.35
CA GLY B 369 3.88 7.07 -24.61
C GLY B 369 2.41 6.84 -24.34
N ASP B 370 1.62 7.01 -25.40
CA ASP B 370 0.18 6.80 -25.25
C ASP B 370 -0.11 5.33 -25.02
N GLN B 371 0.63 4.44 -25.69
CA GLN B 371 0.35 3.01 -25.56
C GLN B 371 0.63 2.51 -24.15
N SER B 372 1.61 3.07 -23.45
CA SER B 372 1.86 2.65 -22.08
C SER B 372 0.68 3.02 -21.17
N LEU B 373 0.18 4.24 -21.33
CA LEU B 373 -0.99 4.67 -20.55
C LEU B 373 -2.20 3.81 -20.90
N LEU B 374 -2.41 3.58 -22.20
CA LEU B 374 -3.53 2.77 -22.66
C LEU B 374 -3.44 1.36 -22.09
N LYS B 375 -2.24 0.76 -22.11
CA LYS B 375 -2.05 -0.57 -21.58
C LYS B 375 -2.39 -0.63 -20.09
N SER B 376 -1.82 0.30 -19.31
CA SER B 376 -2.08 0.28 -17.88
C SER B 376 -3.57 0.45 -17.59
N ILE B 377 -4.24 1.33 -18.34
CA ILE B 377 -5.67 1.56 -18.12
C ILE B 377 -6.47 0.32 -18.48
N TYR B 378 -6.14 -0.32 -19.61
CA TYR B 378 -6.84 -1.53 -20.00
C TYR B 378 -6.64 -2.63 -18.97
N LEU B 379 -5.42 -2.75 -18.44
CA LEU B 379 -5.15 -3.79 -17.46
C LEU B 379 -5.96 -3.57 -16.19
N ALA B 380 -5.98 -2.34 -15.68
CA ALA B 380 -6.79 -2.06 -14.51
C ALA B 380 -8.27 -2.28 -14.78
N THR B 381 -8.73 -1.88 -15.97
CA THR B 381 -10.14 -2.00 -16.31
C THR B 381 -10.56 -3.46 -16.35
N VAL B 382 -9.76 -4.30 -17.03
CA VAL B 382 -10.12 -5.71 -17.14
C VAL B 382 -9.98 -6.41 -15.79
N LYS B 383 -8.99 -6.02 -14.97
CA LYS B 383 -8.85 -6.63 -13.66
C LYS B 383 -10.05 -6.30 -12.77
N ILE B 384 -10.65 -5.12 -12.95
CA ILE B 384 -11.86 -4.79 -12.19
C ILE B 384 -13.05 -5.56 -12.74
N THR B 385 -13.22 -5.55 -14.06
CA THR B 385 -14.42 -6.15 -14.66
C THR B 385 -14.42 -7.68 -14.57
N SER B 386 -13.26 -8.31 -14.31
CA SER B 386 -13.23 -9.76 -14.25
C SER B 386 -14.06 -10.31 -13.10
N LYS B 387 -13.89 -9.77 -11.89
CA LYS B 387 -14.63 -10.24 -10.74
C LYS B 387 -15.90 -9.46 -10.47
N TRP B 388 -16.06 -8.32 -11.12
CA TRP B 388 -17.15 -7.40 -10.84
C TRP B 388 -18.31 -7.53 -11.84
N THR B 389 -18.18 -8.44 -12.82
CA THR B 389 -19.24 -8.73 -13.78
C THR B 389 -20.57 -9.12 -13.15
N MET B 390 -20.60 -9.40 -11.84
CA MET B 390 -21.85 -9.75 -11.17
C MET B 390 -22.84 -8.59 -11.20
N ARG B 391 -24.09 -8.88 -11.58
CA ARG B 391 -25.13 -7.88 -11.76
C ARG B 391 -25.94 -7.64 -10.48
N TYR B 392 -26.69 -6.54 -10.49
CA TYR B 392 -27.43 -6.05 -9.34
C TYR B 392 -28.92 -6.34 -9.45
N LYS B 393 -29.56 -6.46 -8.28
CA LYS B 393 -30.94 -6.87 -8.10
C LYS B 393 -31.93 -5.73 -8.37
N ASN B 394 -33.22 -6.04 -8.24
CA ASN B 394 -34.34 -5.11 -8.40
C ASN B 394 -34.41 -4.48 -9.79
N TRP B 395 -33.78 -5.12 -10.79
CA TRP B 395 -33.79 -4.53 -12.12
C TRP B 395 -35.13 -4.67 -12.81
N GLY B 396 -36.06 -5.44 -12.27
CA GLY B 396 -37.34 -5.62 -12.93
C GLY B 396 -38.20 -4.38 -12.87
N LEU B 397 -38.25 -3.74 -11.69
CA LEU B 397 -38.92 -2.45 -11.55
C LEU B 397 -38.29 -1.39 -12.44
N ILE B 398 -36.95 -1.37 -12.50
CA ILE B 398 -36.27 -0.41 -13.36
C ILE B 398 -36.60 -0.69 -14.82
N LEU B 399 -36.73 -1.97 -15.20
CA LEU B 399 -37.10 -2.31 -16.56
C LEU B 399 -38.50 -1.82 -16.89
N GLY B 400 -39.46 -2.09 -15.99
CA GLY B 400 -40.80 -1.59 -16.20
C GLY B 400 -40.84 -0.08 -16.29
N GLN B 401 -39.98 0.60 -15.56
CA GLN B 401 -39.99 2.06 -15.57
C GLN B 401 -39.38 2.62 -16.83
N LEU B 402 -38.27 2.03 -17.29
CA LEU B 402 -37.66 2.48 -18.53
C LEU B 402 -38.56 2.19 -19.73
N GLN B 403 -39.29 1.07 -19.69
CA GLN B 403 -40.23 0.77 -20.76
C GLN B 403 -41.49 1.61 -20.68
N ILE B 404 -41.84 2.13 -19.50
CA ILE B 404 -42.94 3.08 -19.42
C ILE B 404 -42.53 4.45 -19.93
N MET B 405 -41.36 4.94 -19.50
CA MET B 405 -40.89 6.24 -19.98
C MET B 405 -40.56 6.20 -21.47
N PHE B 406 -39.77 5.22 -21.89
CA PHE B 406 -39.37 5.04 -23.28
C PHE B 406 -39.85 3.69 -23.78
N GLU B 407 -41.03 3.66 -24.41
CA GLU B 407 -41.62 2.38 -24.80
C GLU B 407 -40.83 1.72 -25.92
N GLY B 408 -40.60 2.45 -27.02
CA GLY B 408 -39.94 1.86 -28.17
C GLY B 408 -38.50 1.47 -27.91
N ARG B 409 -37.85 2.17 -26.98
CA ARG B 409 -36.46 1.90 -26.62
C ARG B 409 -35.53 2.16 -27.79
#